data_1D40
# 
_entry.id   1D40 
# 
_audit_conform.dict_name       mmcif_pdbx.dic 
_audit_conform.dict_version    5.389 
_audit_conform.dict_location   http://mmcif.pdb.org/dictionaries/ascii/mmcif_pdbx.dic 
# 
loop_
_database_2.database_id 
_database_2.database_code 
_database_2.pdbx_database_accession 
_database_2.pdbx_DOI 
PDB   1D40         pdb_00001d40 10.2210/pdb1d40/pdb 
RCSB  ZDFB10       ?            ?                   
WWPDB D_1000172645 ?            ?                   
# 
loop_
_pdbx_audit_revision_history.ordinal 
_pdbx_audit_revision_history.data_content_type 
_pdbx_audit_revision_history.major_revision 
_pdbx_audit_revision_history.minor_revision 
_pdbx_audit_revision_history.revision_date 
1 'Structure model' 1 0 1992-04-15 
2 'Structure model' 1 1 2008-05-22 
3 'Structure model' 1 2 2011-07-13 
4 'Structure model' 1 3 2024-02-07 
5 'Structure model' 1 4 2024-04-03 
# 
_pdbx_audit_revision_details.ordinal             1 
_pdbx_audit_revision_details.revision_ordinal    1 
_pdbx_audit_revision_details.data_content_type   'Structure model' 
_pdbx_audit_revision_details.provider            repository 
_pdbx_audit_revision_details.type                'Initial release' 
_pdbx_audit_revision_details.description         ? 
_pdbx_audit_revision_details.details             ? 
# 
loop_
_pdbx_audit_revision_group.ordinal 
_pdbx_audit_revision_group.revision_ordinal 
_pdbx_audit_revision_group.data_content_type 
_pdbx_audit_revision_group.group 
1 2 'Structure model' 'Version format compliance' 
2 3 'Structure model' 'Version format compliance' 
3 4 'Structure model' 'Data collection'           
4 4 'Structure model' 'Database references'       
5 4 'Structure model' 'Derived calculations'      
6 5 'Structure model' 'Refinement description'    
# 
loop_
_pdbx_audit_revision_category.ordinal 
_pdbx_audit_revision_category.revision_ordinal 
_pdbx_audit_revision_category.data_content_type 
_pdbx_audit_revision_category.category 
1 4 'Structure model' chem_comp_atom                
2 4 'Structure model' chem_comp_bond                
3 4 'Structure model' database_2                    
4 4 'Structure model' pdbx_struct_conn_angle        
5 4 'Structure model' struct_conn                   
6 4 'Structure model' struct_conn_type              
7 4 'Structure model' struct_site                   
8 5 'Structure model' pdbx_initial_refinement_model 
# 
loop_
_pdbx_audit_revision_item.ordinal 
_pdbx_audit_revision_item.revision_ordinal 
_pdbx_audit_revision_item.data_content_type 
_pdbx_audit_revision_item.item 
1  4 'Structure model' '_database_2.pdbx_DOI'                        
2  4 'Structure model' '_database_2.pdbx_database_accession'         
3  4 'Structure model' '_pdbx_struct_conn_angle.ptnr1_auth_comp_id'  
4  4 'Structure model' '_pdbx_struct_conn_angle.ptnr1_auth_seq_id'   
5  4 'Structure model' '_pdbx_struct_conn_angle.ptnr1_label_comp_id' 
6  4 'Structure model' '_pdbx_struct_conn_angle.ptnr1_label_seq_id'  
7  4 'Structure model' '_pdbx_struct_conn_angle.ptnr1_symmetry'      
8  4 'Structure model' '_pdbx_struct_conn_angle.ptnr2_symmetry'      
9  4 'Structure model' '_pdbx_struct_conn_angle.ptnr3_auth_comp_id'  
10 4 'Structure model' '_pdbx_struct_conn_angle.ptnr3_auth_seq_id'   
11 4 'Structure model' '_pdbx_struct_conn_angle.ptnr3_label_comp_id' 
12 4 'Structure model' '_pdbx_struct_conn_angle.ptnr3_label_seq_id'  
13 4 'Structure model' '_pdbx_struct_conn_angle.ptnr3_symmetry'      
14 4 'Structure model' '_pdbx_struct_conn_angle.value'               
15 4 'Structure model' '_struct_conn.conn_type_id'                   
16 4 'Structure model' '_struct_conn.id'                             
17 4 'Structure model' '_struct_conn.pdbx_dist_value'                
18 4 'Structure model' '_struct_conn.pdbx_leaving_atom_flag'         
19 4 'Structure model' '_struct_conn.ptnr1_auth_asym_id'             
20 4 'Structure model' '_struct_conn.ptnr1_auth_comp_id'             
21 4 'Structure model' '_struct_conn.ptnr1_auth_seq_id'              
22 4 'Structure model' '_struct_conn.ptnr1_label_asym_id'            
23 4 'Structure model' '_struct_conn.ptnr1_label_atom_id'            
24 4 'Structure model' '_struct_conn.ptnr1_label_comp_id'            
25 4 'Structure model' '_struct_conn.ptnr1_label_seq_id'             
26 4 'Structure model' '_struct_conn.ptnr2_auth_asym_id'             
27 4 'Structure model' '_struct_conn.ptnr2_auth_comp_id'             
28 4 'Structure model' '_struct_conn.ptnr2_auth_seq_id'              
29 4 'Structure model' '_struct_conn.ptnr2_label_asym_id'            
30 4 'Structure model' '_struct_conn.ptnr2_label_atom_id'            
31 4 'Structure model' '_struct_conn.ptnr2_label_comp_id'            
32 4 'Structure model' '_struct_conn.ptnr2_label_seq_id'             
33 4 'Structure model' '_struct_conn.ptnr2_symmetry'                 
34 4 'Structure model' '_struct_conn_type.id'                        
35 4 'Structure model' '_struct_site.pdbx_auth_asym_id'              
36 4 'Structure model' '_struct_site.pdbx_auth_comp_id'              
37 4 'Structure model' '_struct_site.pdbx_auth_seq_id'               
# 
_pdbx_database_status.status_code                     REL 
_pdbx_database_status.entry_id                        1D40 
_pdbx_database_status.recvd_initial_deposition_date   1991-05-07 
_pdbx_database_status.deposit_site                    BNL 
_pdbx_database_status.process_site                    NDB 
_pdbx_database_status.status_code_sf                  REL 
_pdbx_database_status.status_code_mr                  ? 
_pdbx_database_status.SG_entry                        ? 
_pdbx_database_status.pdb_format_compatible           Y 
_pdbx_database_status.status_code_cs                  ? 
_pdbx_database_status.status_code_nmr_data            ? 
_pdbx_database_status.methods_development_category    ? 
# 
loop_
_audit_author.name 
_audit_author.pdbx_ordinal 
'Geierstanger, B.H.' 1 
'Kagawa, T.F.'       2 
'Chen, S.-L.'        3 
'Quigley, G.J.'      4 
'Ho, P.S.'           5 
# 
loop_
_citation.id 
_citation.title 
_citation.journal_abbrev 
_citation.journal_volume 
_citation.page_first 
_citation.page_last 
_citation.year 
_citation.journal_id_ASTM 
_citation.country 
_citation.journal_id_ISSN 
_citation.journal_id_CSD 
_citation.book_publisher 
_citation.pdbx_database_id_PubMed 
_citation.pdbx_database_id_DOI 
primary 
'Base-specific binding of copper(II) to Z-DNA. The 1.3-A single crystal structure of d(m5CGUAm5CG) in the presence of CuCl2.' 
J.Biol.Chem. 266 20185 20191 1991 JBCHA3 US 0021-9258 0071 ? 1939079 ? 
1       'Stabilization of Z-DNA by Demethylation of Thymine Bases: 1.3-Angstroms Single-Crystal Structure of d(m5CGUAm5CG)' 
Biochemistry 29  7229  7236  1990 BICHAW US 0006-2960 0033 ? ?       ? 
# 
loop_
_citation_author.citation_id 
_citation_author.name 
_citation_author.ordinal 
_citation_author.identifier_ORCID 
primary 'Geierstanger, B.H.' 1 ? 
primary 'Kagawa, T.F.'       2 ? 
primary 'Chen, S.L.'         3 ? 
primary 'Quigley, G.J.'      4 ? 
primary 'Ho, P.S.'           5 ? 
1       'Zhou, G.'           6 ? 
1       'Ho, P.S.'           7 ? 
# 
loop_
_entity.id 
_entity.type 
_entity.src_method 
_entity.pdbx_description 
_entity.formula_weight 
_entity.pdbx_number_of_molecules 
_entity.pdbx_ec 
_entity.pdbx_mutation 
_entity.pdbx_fragment 
_entity.details 
1 polymer     syn 
;DNA (5'-D(*(5CM)P*(CU)GP*UP*AP*(5CM)P*(CU)G)-3')
;
1823.245 2  ? ? ? ? 
2 non-polymer syn 'COPPER (II) ION'                                  63.546   3  ? ? ? ? 
3 non-polymer syn 'COPPER (II) CHLORIDE'                             134.452  1  ? ? ? ? 
4 water       nat water                                              18.015   86 ? ? ? ? 
# 
_entity_poly.entity_id                      1 
_entity_poly.type                           polydeoxyribonucleotide 
_entity_poly.nstd_linkage                   no 
_entity_poly.nstd_monomer                   yes 
_entity_poly.pdbx_seq_one_letter_code       '(5CM)(DG)(DU)(DA)(5CM)(DG)' 
_entity_poly.pdbx_seq_one_letter_code_can   CGUACG 
_entity_poly.pdbx_strand_id                 A,B 
_entity_poly.pdbx_target_identifier         ? 
# 
loop_
_pdbx_entity_nonpoly.entity_id 
_pdbx_entity_nonpoly.name 
_pdbx_entity_nonpoly.comp_id 
2 'COPPER (II) ION'      CU  
3 'COPPER (II) CHLORIDE' CUL 
4 water                  HOH 
# 
loop_
_entity_poly_seq.entity_id 
_entity_poly_seq.num 
_entity_poly_seq.mon_id 
_entity_poly_seq.hetero 
1 1 5CM n 
1 2 DG  n 
1 3 DU  n 
1 4 DA  n 
1 5 5CM n 
1 6 DG  n 
# 
loop_
_chem_comp.id 
_chem_comp.type 
_chem_comp.mon_nstd_flag 
_chem_comp.name 
_chem_comp.pdbx_synonyms 
_chem_comp.formula 
_chem_comp.formula_weight 
5CM 'DNA linking' n "5-METHYL-2'-DEOXY-CYTIDINE-5'-MONOPHOSPHATE" ? 'C10 H16 N3 O7 P' 321.224 
CU  non-polymer   . 'COPPER (II) ION'                             ? 'Cu 2'            63.546  
CUL non-polymer   . 'COPPER (II) CHLORIDE'                        ? 'Cl2 Cu'          134.452 
DA  'DNA linking' y "2'-DEOXYADENOSINE-5'-MONOPHOSPHATE"          ? 'C10 H14 N5 O6 P' 331.222 
DG  'DNA linking' y "2'-DEOXYGUANOSINE-5'-MONOPHOSPHATE"          ? 'C10 H14 N5 O7 P' 347.221 
DU  'DNA linking' y "2'-DEOXYURIDINE-5'-MONOPHOSPHATE"            ? 'C9 H13 N2 O8 P'  308.182 
HOH non-polymer   . WATER                                         ? 'H2 O'            18.015  
# 
loop_
_pdbx_poly_seq_scheme.asym_id 
_pdbx_poly_seq_scheme.entity_id 
_pdbx_poly_seq_scheme.seq_id 
_pdbx_poly_seq_scheme.mon_id 
_pdbx_poly_seq_scheme.ndb_seq_num 
_pdbx_poly_seq_scheme.pdb_seq_num 
_pdbx_poly_seq_scheme.auth_seq_num 
_pdbx_poly_seq_scheme.pdb_mon_id 
_pdbx_poly_seq_scheme.auth_mon_id 
_pdbx_poly_seq_scheme.pdb_strand_id 
_pdbx_poly_seq_scheme.pdb_ins_code 
_pdbx_poly_seq_scheme.hetero 
A 1 1 5CM 1 1  1  5CM +C A . n 
A 1 2 DG  2 2  2  DG  G  A . n 
A 1 3 DU  3 3  3  DU  U  A . n 
A 1 4 DA  4 4  4  DA  A  A . n 
A 1 5 5CM 5 5  5  5CM +C A . n 
A 1 6 DG  6 6  6  DG  G  A . n 
B 1 1 5CM 1 7  7  5CM +C B . n 
B 1 2 DG  2 8  8  DG  G  B . n 
B 1 3 DU  3 9  9  DU  U  B . n 
B 1 4 DA  4 10 10 DA  A  B . n 
B 1 5 5CM 5 11 11 5CM +C B . n 
B 1 6 DG  6 12 12 DG  G  B . n 
# 
loop_
_pdbx_nonpoly_scheme.asym_id 
_pdbx_nonpoly_scheme.entity_id 
_pdbx_nonpoly_scheme.mon_id 
_pdbx_nonpoly_scheme.ndb_seq_num 
_pdbx_nonpoly_scheme.pdb_seq_num 
_pdbx_nonpoly_scheme.auth_seq_num 
_pdbx_nonpoly_scheme.pdb_mon_id 
_pdbx_nonpoly_scheme.auth_mon_id 
_pdbx_nonpoly_scheme.pdb_strand_id 
_pdbx_nonpoly_scheme.pdb_ins_code 
C 2 CU  1  7  2  CU  G   A . 
D 2 CU  1  8  6  CU  G   A . 
E 2 CU  1  13 8  CU  G   B . 
F 3 CUL 1  14 12 CUL G   B . 
G 4 HOH 1  13 13 HOH HOH A . 
G 4 HOH 2  14 14 HOH HOH A . 
G 4 HOH 3  15 15 HOH HOH A . 
G 4 HOH 4  16 16 HOH HOH A . 
G 4 HOH 5  17 17 HOH HOH A . 
G 4 HOH 6  18 18 HOH HOH A . 
G 4 HOH 7  19 19 HOH HOH A . 
G 4 HOH 8  20 20 HOH HOH A . 
G 4 HOH 9  21 21 HOH HOH A . 
G 4 HOH 10 22 22 HOH HOH A . 
G 4 HOH 11 29 29 HOH HOH A . 
G 4 HOH 12 31 31 HOH HOH A . 
G 4 HOH 13 35 35 HOH HOH A . 
G 4 HOH 14 36 36 HOH HOH A . 
G 4 HOH 15 37 37 HOH HOH A . 
G 4 HOH 16 38 38 HOH HOH A . 
G 4 HOH 17 39 39 HOH HOH A . 
G 4 HOH 18 41 41 HOH HOH A . 
G 4 HOH 19 44 44 HOH HOH A . 
G 4 HOH 20 45 45 HOH HOH A . 
G 4 HOH 21 46 46 HOH HOH A . 
G 4 HOH 22 47 47 HOH HOH A . 
G 4 HOH 23 48 48 HOH HOH A . 
G 4 HOH 24 49 49 HOH HOH A . 
G 4 HOH 25 51 51 HOH HOH A . 
G 4 HOH 26 55 55 HOH HOH A . 
G 4 HOH 27 56 56 HOH HOH A . 
G 4 HOH 28 57 57 HOH HOH A . 
G 4 HOH 29 60 60 HOH HOH A . 
G 4 HOH 30 61 61 HOH HOH A . 
G 4 HOH 31 67 67 HOH HOH A . 
G 4 HOH 32 72 72 HOH HOH A . 
G 4 HOH 33 74 74 HOH HOH A . 
G 4 HOH 34 75 75 HOH HOH A . 
G 4 HOH 35 76 76 HOH HOH A . 
G 4 HOH 36 82 82 HOH HOH A . 
G 4 HOH 37 85 85 HOH HOH A . 
G 4 HOH 38 89 89 HOH HOH A . 
G 4 HOH 39 91 91 HOH HOH A . 
G 4 HOH 40 92 92 HOH HOH A . 
G 4 HOH 41 93 93 HOH HOH A . 
G 4 HOH 42 94 94 HOH HOH A . 
G 4 HOH 43 95 95 HOH HOH A . 
G 4 HOH 44 97 97 HOH HOH A . 
H 4 HOH 1  23 23 HOH HOH B . 
H 4 HOH 2  24 24 HOH HOH B . 
H 4 HOH 3  25 25 HOH HOH B . 
H 4 HOH 4  26 26 HOH HOH B . 
H 4 HOH 5  27 27 HOH HOH B . 
H 4 HOH 6  28 28 HOH HOH B . 
H 4 HOH 7  30 30 HOH HOH B . 
H 4 HOH 8  32 32 HOH HOH B . 
H 4 HOH 9  33 33 HOH HOH B . 
H 4 HOH 10 34 34 HOH HOH B . 
H 4 HOH 11 40 40 HOH HOH B . 
H 4 HOH 12 42 42 HOH HOH B . 
H 4 HOH 13 43 43 HOH HOH B . 
H 4 HOH 14 50 50 HOH HOH B . 
H 4 HOH 15 52 52 HOH HOH B . 
H 4 HOH 16 53 53 HOH HOH B . 
H 4 HOH 17 54 54 HOH HOH B . 
H 4 HOH 18 58 58 HOH HOH B . 
H 4 HOH 19 59 59 HOH HOH B . 
H 4 HOH 20 62 62 HOH HOH B . 
H 4 HOH 21 63 63 HOH HOH B . 
H 4 HOH 22 64 64 HOH HOH B . 
H 4 HOH 23 65 65 HOH HOH B . 
H 4 HOH 24 66 66 HOH HOH B . 
H 4 HOH 25 68 68 HOH HOH B . 
H 4 HOH 26 69 69 HOH HOH B . 
H 4 HOH 27 70 70 HOH HOH B . 
H 4 HOH 28 71 71 HOH HOH B . 
H 4 HOH 29 73 73 HOH HOH B . 
H 4 HOH 30 77 77 HOH HOH B . 
H 4 HOH 31 78 78 HOH HOH B . 
H 4 HOH 32 79 79 HOH HOH B . 
H 4 HOH 33 80 80 HOH HOH B . 
H 4 HOH 34 81 81 HOH HOH B . 
H 4 HOH 35 83 83 HOH HOH B . 
H 4 HOH 36 84 84 HOH HOH B . 
H 4 HOH 37 86 86 HOH HOH B . 
H 4 HOH 38 87 87 HOH HOH B . 
H 4 HOH 39 88 88 HOH HOH B . 
H 4 HOH 40 90 90 HOH HOH B . 
H 4 HOH 41 96 96 HOH HOH B . 
H 4 HOH 42 98 98 HOH HOH B . 
# 
_software.name             NUCLSQ 
_software.classification   refinement 
_software.version          . 
_software.citation_id      ? 
_software.pdbx_ordinal     1 
# 
_cell.entry_id           1D40 
_cell.length_a           17.590 
_cell.length_b           30.580 
_cell.length_c           44.520 
_cell.angle_alpha        90.00 
_cell.angle_beta         90.00 
_cell.angle_gamma        90.00 
_cell.Z_PDB              8 
_cell.pdbx_unique_axis   ? 
# 
_symmetry.entry_id                         1D40 
_symmetry.space_group_name_H-M             'P 21 21 21' 
_symmetry.pdbx_full_space_group_name_H-M   ? 
_symmetry.cell_setting                     ? 
_symmetry.Int_Tables_number                19 
# 
_exptl.entry_id          1D40 
_exptl.method            'X-RAY DIFFRACTION' 
_exptl.crystals_number   ? 
# 
_exptl_crystal.id                    1 
_exptl_crystal.density_meas          ? 
_exptl_crystal.density_Matthews      1.64 
_exptl_crystal.density_percent_sol   25.08 
_exptl_crystal.description           ? 
# 
_exptl_crystal_grow.crystal_id      1 
_exptl_crystal_grow.method          'VAPOR DIFFUSION' 
_exptl_crystal_grow.temp            ? 
_exptl_crystal_grow.temp_details    'ROOM TEMPERATURE' 
_exptl_crystal_grow.pH              7.00 
_exptl_crystal_grow.pdbx_details    'pH 7.00, VAPOR DIFFUSION' 
_exptl_crystal_grow.pdbx_pH_range   ? 
# 
loop_
_exptl_crystal_grow_comp.crystal_id 
_exptl_crystal_grow_comp.id 
_exptl_crystal_grow_comp.sol_id 
_exptl_crystal_grow_comp.name 
_exptl_crystal_grow_comp.volume 
_exptl_crystal_grow_comp.conc 
_exptl_crystal_grow_comp.details 
1 1 1 WATER           ? ? ? 
1 2 1 MPD             ? ? ? 
1 3 1 'NA CACODYLATE' ? ? ? 
1 4 1 MGCL2           ? ? ? 
1 5 2 WATER           ? ? ? 
1 6 2 MPD             ? ? ? 
1 7 3 WATER           ? ? ? 
1 8 3 CUCL2           ? ? ? 
# 
_diffrn.id                     1 
_diffrn.ambient_temp           ? 
_diffrn.ambient_temp_details   'ROOM TEMPERATURE' 
_diffrn.crystal_id             1 
# 
_diffrn_detector.diffrn_id              1 
_diffrn_detector.detector               'AREA DETECTOR' 
_diffrn_detector.type                   ENRAF-NONIUS 
_diffrn_detector.pdbx_collection_date   ? 
_diffrn_detector.details                ? 
# 
_diffrn_radiation.diffrn_id                        1 
_diffrn_radiation.wavelength_id                    1 
_diffrn_radiation.pdbx_monochromatic_or_laue_m_l   ? 
_diffrn_radiation.monochromator                    ? 
_diffrn_radiation.pdbx_diffrn_protocol             ? 
_diffrn_radiation.pdbx_scattering_type             x-ray 
# 
_diffrn_radiation_wavelength.id           1 
_diffrn_radiation_wavelength.wavelength   . 
_diffrn_radiation_wavelength.wt           1.0 
# 
_diffrn_source.diffrn_id                   1 
_diffrn_source.source                      ? 
_diffrn_source.type                        ? 
_diffrn_source.pdbx_synchrotron_site       ? 
_diffrn_source.pdbx_synchrotron_beamline   ? 
_diffrn_source.pdbx_wavelength             ? 
_diffrn_source.pdbx_wavelength_list        ? 
# 
_reflns.entry_id                     1D40 
_reflns.observed_criterion_sigma_I   2.000 
_reflns.observed_criterion_sigma_F   ? 
_reflns.d_resolution_low             ? 
_reflns.d_resolution_high            1.300 
_reflns.number_obs                   2587 
_reflns.number_all                   ? 
_reflns.percent_possible_obs         ? 
_reflns.pdbx_Rmerge_I_obs            ? 
_reflns.pdbx_Rsym_value              ? 
_reflns.pdbx_netI_over_sigmaI        ? 
_reflns.B_iso_Wilson_estimate        ? 
_reflns.pdbx_redundancy              ? 
_reflns.pdbx_diffrn_id               1 
_reflns.pdbx_ordinal                 1 
# 
_refine.entry_id                                 1D40 
_refine.ls_number_reflns_obs                     2587 
_refine.ls_number_reflns_all                     ? 
_refine.pdbx_ls_sigma_I                          2.000 
_refine.pdbx_ls_sigma_F                          ? 
_refine.pdbx_data_cutoff_high_absF               ? 
_refine.pdbx_data_cutoff_low_absF                ? 
_refine.pdbx_data_cutoff_high_rms_absF           ? 
_refine.ls_d_res_low                             ? 
_refine.ls_d_res_high                            1.300 
_refine.ls_percent_reflns_obs                    ? 
_refine.ls_R_factor_obs                          0.209 
_refine.ls_R_factor_all                          ? 
_refine.ls_R_factor_R_work                       ? 
_refine.ls_R_factor_R_free                       ? 
_refine.ls_R_factor_R_free_error                 ? 
_refine.ls_R_factor_R_free_error_details         ? 
_refine.ls_percent_reflns_R_free                 ? 
_refine.ls_number_reflns_R_free                  ? 
_refine.ls_number_parameters                     ? 
_refine.ls_number_restraints                     ? 
_refine.occupancy_min                            ? 
_refine.occupancy_max                            ? 
_refine.B_iso_mean                               ? 
_refine.aniso_B[1][1]                            ? 
_refine.aniso_B[2][2]                            ? 
_refine.aniso_B[3][3]                            ? 
_refine.aniso_B[1][2]                            ? 
_refine.aniso_B[1][3]                            ? 
_refine.aniso_B[2][3]                            ? 
_refine.solvent_model_details                    ? 
_refine.solvent_model_param_ksol                 ? 
_refine.solvent_model_param_bsol                 ? 
_refine.pdbx_ls_cross_valid_method               ? 
_refine.details                                  ? 
_refine.pdbx_starting_model                      ZDFB24 
_refine.pdbx_method_to_determine_struct          ? 
_refine.pdbx_isotropic_thermal_model             ? 
_refine.pdbx_stereochemistry_target_values       ? 
_refine.pdbx_stereochem_target_val_spec_case     ? 
_refine.pdbx_R_Free_selection_details            ? 
_refine.pdbx_overall_ESU_R                       ? 
_refine.pdbx_overall_ESU_R_Free                  ? 
_refine.overall_SU_ML                            ? 
_refine.overall_SU_B                             ? 
_refine.pdbx_refine_id                           'X-RAY DIFFRACTION' 
_refine.pdbx_diffrn_id                           1 
_refine.pdbx_TLS_residual_ADP_flag               ? 
_refine.correlation_coeff_Fo_to_Fc               ? 
_refine.correlation_coeff_Fo_to_Fc_free          ? 
_refine.pdbx_solvent_vdw_probe_radii             ? 
_refine.pdbx_solvent_ion_probe_radii             ? 
_refine.pdbx_solvent_shrinkage_radii             ? 
_refine.pdbx_overall_phase_error                 ? 
_refine.overall_SU_R_Cruickshank_DPI             ? 
_refine.pdbx_overall_SU_R_free_Cruickshank_DPI   ? 
_refine.pdbx_overall_SU_R_Blow_DPI               ? 
_refine.pdbx_overall_SU_R_free_Blow_DPI          ? 
# 
_refine_hist.pdbx_refine_id                   'X-RAY DIFFRACTION' 
_refine_hist.cycle_id                         LAST 
_refine_hist.pdbx_number_atoms_protein        0 
_refine_hist.pdbx_number_atoms_nucleic_acid   238 
_refine_hist.pdbx_number_atoms_ligand         10 
_refine_hist.number_atoms_solvent             86 
_refine_hist.number_atoms_total               334 
_refine_hist.d_res_high                       1.300 
_refine_hist.d_res_low                        . 
# 
_struct.entry_id                  1D40 
_struct.title                     
'BASE SPECIFIC BINDING OF COPPER(II) TO Z-DNA: THE 1.3-ANGSTROMS SINGLE CRYSTAL STRUCTURE OF D(M5CGUAM5CG) IN THE PRESENCE OF CUCL2' 
_struct.pdbx_model_details        ? 
_struct.pdbx_CASP_flag            ? 
_struct.pdbx_model_type_details   ? 
# 
_struct_keywords.entry_id        1D40 
_struct_keywords.pdbx_keywords   DNA 
_struct_keywords.text            'Z-DNA, DOUBLE HELIX, MODIFIED, DNA' 
# 
loop_
_struct_asym.id 
_struct_asym.pdbx_blank_PDB_chainid_flag 
_struct_asym.pdbx_modified 
_struct_asym.entity_id 
_struct_asym.details 
A N N 1 ? 
B N N 1 ? 
C N N 2 ? 
D N N 2 ? 
E N N 2 ? 
F N N 3 ? 
G N N 4 ? 
H N N 4 ? 
# 
_struct_ref.id                         1 
_struct_ref.entity_id                  1 
_struct_ref.db_name                    PDB 
_struct_ref.db_code                    1D40 
_struct_ref.pdbx_db_accession          1D40 
_struct_ref.pdbx_db_isoform            ? 
_struct_ref.pdbx_seq_one_letter_code   ? 
_struct_ref.pdbx_align_begin           ? 
# 
loop_
_struct_ref_seq.align_id 
_struct_ref_seq.ref_id 
_struct_ref_seq.pdbx_PDB_id_code 
_struct_ref_seq.pdbx_strand_id 
_struct_ref_seq.seq_align_beg 
_struct_ref_seq.pdbx_seq_align_beg_ins_code 
_struct_ref_seq.seq_align_end 
_struct_ref_seq.pdbx_seq_align_end_ins_code 
_struct_ref_seq.pdbx_db_accession 
_struct_ref_seq.db_align_beg 
_struct_ref_seq.pdbx_db_align_beg_ins_code 
_struct_ref_seq.db_align_end 
_struct_ref_seq.pdbx_db_align_end_ins_code 
_struct_ref_seq.pdbx_auth_seq_align_beg 
_struct_ref_seq.pdbx_auth_seq_align_end 
1 1 1D40 A 1 ? 6 ? 1D40 1 ? 6  ? 1 6  
2 1 1D40 B 1 ? 6 ? 1D40 7 ? 12 ? 7 12 
# 
_pdbx_struct_assembly.id                   1 
_pdbx_struct_assembly.details              author_defined_assembly 
_pdbx_struct_assembly.method_details       ? 
_pdbx_struct_assembly.oligomeric_details   dimeric 
_pdbx_struct_assembly.oligomeric_count     2 
# 
_pdbx_struct_assembly_gen.assembly_id       1 
_pdbx_struct_assembly_gen.oper_expression   1 
_pdbx_struct_assembly_gen.asym_id_list      A,B,C,D,E,F,G,H 
# 
_pdbx_struct_oper_list.id                   1 
_pdbx_struct_oper_list.type                 'identity operation' 
_pdbx_struct_oper_list.name                 1_555 
_pdbx_struct_oper_list.symmetry_operation   x,y,z 
_pdbx_struct_oper_list.matrix[1][1]         1.0000000000 
_pdbx_struct_oper_list.matrix[1][2]         0.0000000000 
_pdbx_struct_oper_list.matrix[1][3]         0.0000000000 
_pdbx_struct_oper_list.vector[1]            0.0000000000 
_pdbx_struct_oper_list.matrix[2][1]         0.0000000000 
_pdbx_struct_oper_list.matrix[2][2]         1.0000000000 
_pdbx_struct_oper_list.matrix[2][3]         0.0000000000 
_pdbx_struct_oper_list.vector[2]            0.0000000000 
_pdbx_struct_oper_list.matrix[3][1]         0.0000000000 
_pdbx_struct_oper_list.matrix[3][2]         0.0000000000 
_pdbx_struct_oper_list.matrix[3][3]         1.0000000000 
_pdbx_struct_oper_list.vector[3]            0.0000000000 
# 
_struct_biol.id   1 
# 
loop_
_struct_conn.id 
_struct_conn.conn_type_id 
_struct_conn.pdbx_leaving_atom_flag 
_struct_conn.pdbx_PDB_id 
_struct_conn.ptnr1_label_asym_id 
_struct_conn.ptnr1_label_comp_id 
_struct_conn.ptnr1_label_seq_id 
_struct_conn.ptnr1_label_atom_id 
_struct_conn.pdbx_ptnr1_label_alt_id 
_struct_conn.pdbx_ptnr1_PDB_ins_code 
_struct_conn.pdbx_ptnr1_standard_comp_id 
_struct_conn.ptnr1_symmetry 
_struct_conn.ptnr2_label_asym_id 
_struct_conn.ptnr2_label_comp_id 
_struct_conn.ptnr2_label_seq_id 
_struct_conn.ptnr2_label_atom_id 
_struct_conn.pdbx_ptnr2_label_alt_id 
_struct_conn.pdbx_ptnr2_PDB_ins_code 
_struct_conn.ptnr1_auth_asym_id 
_struct_conn.ptnr1_auth_comp_id 
_struct_conn.ptnr1_auth_seq_id 
_struct_conn.ptnr2_auth_asym_id 
_struct_conn.ptnr2_auth_comp_id 
_struct_conn.ptnr2_auth_seq_id 
_struct_conn.ptnr2_symmetry 
_struct_conn.pdbx_ptnr3_label_atom_id 
_struct_conn.pdbx_ptnr3_label_seq_id 
_struct_conn.pdbx_ptnr3_label_comp_id 
_struct_conn.pdbx_ptnr3_label_asym_id 
_struct_conn.pdbx_ptnr3_label_alt_id 
_struct_conn.pdbx_ptnr3_PDB_ins_code 
_struct_conn.details 
_struct_conn.pdbx_dist_value 
_struct_conn.pdbx_value_order 
_struct_conn.pdbx_role 
covale1  covale both ? A 5CM 1 "O3'" ? ? ? 1_555 A DG  2 P  ? ? A 5CM 1  A DG  2  1_555 ? ? ? ? ? ? ?            1.628 ? ? 
covale2  covale both ? A DA  4 "O3'" ? ? ? 1_555 A 5CM 5 P  ? ? A DA  4  A 5CM 5  1_555 ? ? ? ? ? ? ?            1.524 ? ? 
covale3  covale both ? A 5CM 5 "O3'" ? ? ? 1_555 A DG  6 P  ? ? A 5CM 5  A DG  6  1_555 ? ? ? ? ? ? ?            1.581 ? ? 
covale4  covale both ? B 5CM 1 "O3'" ? ? ? 1_555 B DG  2 P  ? ? B 5CM 7  B DG  8  1_555 ? ? ? ? ? ? ?            1.591 ? ? 
covale5  covale both ? B DA  4 "O3'" ? ? ? 1_555 B 5CM 5 P  ? ? B DA  10 B 5CM 11 1_555 ? ? ? ? ? ? ?            1.559 ? ? 
covale6  covale both ? B 5CM 5 "O3'" ? ? ? 1_555 B DG  6 P  ? ? B 5CM 11 B DG  12 1_555 ? ? ? ? ? ? ?            1.599 ? ? 
metalc1  metalc ?    ? A DG  2 N7    ? ? ? 1_555 C CU  . CU ? ? A DG  2  A CU  7  1_555 ? ? ? ? ? ? ?            2.296 ? ? 
metalc2  metalc ?    ? A DG  6 N7    ? ? ? 1_555 D CU  . CU ? ? A DG  6  A CU  8  1_555 ? ? ? ? ? ? ?            2.145 ? ? 
metalc3  metalc ?    ? C CU  . CU    ? ? ? 1_555 G HOH . O  ? ? A CU  7  A HOH 13 1_555 ? ? ? ? ? ? ?            2.152 ? ? 
metalc4  metalc ?    ? C CU  . CU    ? ? ? 1_555 G HOH . O  ? ? A CU  7  A HOH 14 1_555 ? ? ? ? ? ? ?            2.032 ? ? 
metalc5  metalc ?    ? C CU  . CU    ? ? ? 1_555 G HOH . O  ? ? A CU  7  A HOH 15 1_555 ? ? ? ? ? ? ?            2.071 ? ? 
metalc6  metalc ?    ? C CU  . CU    ? ? ? 1_555 G HOH . O  ? ? A CU  7  A HOH 16 1_555 ? ? ? ? ? ? ?            2.205 ? ? 
metalc7  metalc ?    ? C CU  . CU    ? ? ? 1_555 G HOH . O  ? ? A CU  7  A HOH 17 1_555 ? ? ? ? ? ? ?            2.113 ? ? 
metalc8  metalc ?    ? D CU  . CU    ? ? ? 1_555 G HOH . O  ? ? A CU  8  A HOH 18 1_555 ? ? ? ? ? ? ?            2.307 ? ? 
metalc9  metalc ?    ? D CU  . CU    ? ? ? 1_555 G HOH . O  ? ? A CU  8  A HOH 19 1_555 ? ? ? ? ? ? ?            1.956 ? ? 
metalc10 metalc ?    ? D CU  . CU    ? ? ? 1_555 G HOH . O  ? ? A CU  8  A HOH 20 1_555 ? ? ? ? ? ? ?            2.089 ? ? 
metalc11 metalc ?    ? D CU  . CU    ? ? ? 1_555 G HOH . O  ? ? A CU  8  A HOH 21 1_555 ? ? ? ? ? ? ?            2.011 ? ? 
metalc12 metalc ?    ? D CU  . CU    ? ? ? 1_555 G HOH . O  ? ? A CU  8  A HOH 22 1_555 ? ? ? ? ? ? ?            1.847 ? ? 
metalc13 metalc ?    ? B DG  2 N7    ? ? ? 1_555 E CU  . CU ? ? B DG  8  B CU  13 1_555 ? ? ? ? ? ? ?            2.377 ? ? 
metalc14 metalc ?    ? B DA  4 N7    ? ? ? 1_555 F CUL . CU ? ? B DA  10 B CUL 14 4_566 ? ? ? ? ? ? ?            1.909 ? ? 
metalc15 metalc ?    ? B DG  6 N7    ? ? ? 1_555 F CUL . CU ? ? B DG  12 B CUL 14 1_555 ? ? ? ? ? ? ?            2.123 ? ? 
metalc16 metalc ?    ? E CU  . CU    ? ? ? 1_555 H HOH . O  ? ? B CU  13 B HOH 23 1_555 ? ? ? ? ? ? ?            1.992 ? ? 
metalc17 metalc ?    ? E CU  . CU    ? ? ? 1_555 H HOH . O  ? ? B CU  13 B HOH 24 1_555 ? ? ? ? ? ? ?            1.983 ? ? 
metalc18 metalc ?    ? E CU  . CU    ? ? ? 1_555 H HOH . O  ? ? B CU  13 B HOH 25 1_555 ? ? ? ? ? ? ?            2.235 ? ? 
metalc19 metalc ?    ? E CU  . CU    ? ? ? 1_555 H HOH . O  ? ? B CU  13 B HOH 26 1_555 ? ? ? ? ? ? ?            2.214 ? ? 
metalc20 metalc ?    ? F CUL . CU    ? ? ? 1_555 H HOH . O  ? ? B CUL 14 B HOH 27 1_555 ? ? ? ? ? ? ?            2.301 ? ? 
hydrog1  hydrog ?    ? A 5CM 1 N3    ? ? ? 1_555 B DG  6 N1 ? ? A 5CM 1  B DG  12 1_555 ? ? ? ? ? ? WATSON-CRICK ?     ? ? 
hydrog2  hydrog ?    ? A 5CM 1 N4    ? ? ? 1_555 B DG  6 O6 ? ? A 5CM 1  B DG  12 1_555 ? ? ? ? ? ? WATSON-CRICK ?     ? ? 
hydrog3  hydrog ?    ? A 5CM 1 O2    ? ? ? 1_555 B DG  6 N2 ? ? A 5CM 1  B DG  12 1_555 ? ? ? ? ? ? WATSON-CRICK ?     ? ? 
hydrog4  hydrog ?    ? A DG  2 N1    ? ? ? 1_555 B 5CM 5 N3 ? ? A DG  2  B 5CM 11 1_555 ? ? ? ? ? ? WATSON-CRICK ?     ? ? 
hydrog5  hydrog ?    ? A DG  2 N2    ? ? ? 1_555 B 5CM 5 O2 ? ? A DG  2  B 5CM 11 1_555 ? ? ? ? ? ? WATSON-CRICK ?     ? ? 
hydrog6  hydrog ?    ? A DG  2 O6    ? ? ? 1_555 B 5CM 5 N4 ? ? A DG  2  B 5CM 11 1_555 ? ? ? ? ? ? WATSON-CRICK ?     ? ? 
hydrog7  hydrog ?    ? A DU  3 N3    ? ? ? 1_555 B DA  4 N1 ? ? A DU  3  B DA  10 1_555 ? ? ? ? ? ? WATSON-CRICK ?     ? ? 
hydrog8  hydrog ?    ? A DU  3 O4    ? ? ? 1_555 B DA  4 N6 ? ? A DU  3  B DA  10 1_555 ? ? ? ? ? ? WATSON-CRICK ?     ? ? 
hydrog9  hydrog ?    ? A DA  4 N1    ? ? ? 1_555 B DU  3 N3 ? ? A DA  4  B DU  9  1_555 ? ? ? ? ? ? WATSON-CRICK ?     ? ? 
hydrog10 hydrog ?    ? A DA  4 N6    ? ? ? 1_555 B DU  3 O4 ? ? A DA  4  B DU  9  1_555 ? ? ? ? ? ? WATSON-CRICK ?     ? ? 
hydrog11 hydrog ?    ? A 5CM 5 N3    ? ? ? 1_555 B DG  2 N1 ? ? A 5CM 5  B DG  8  1_555 ? ? ? ? ? ? WATSON-CRICK ?     ? ? 
hydrog12 hydrog ?    ? A 5CM 5 N4    ? ? ? 1_555 B DG  2 O6 ? ? A 5CM 5  B DG  8  1_555 ? ? ? ? ? ? WATSON-CRICK ?     ? ? 
hydrog13 hydrog ?    ? A 5CM 5 O2    ? ? ? 1_555 B DG  2 N2 ? ? A 5CM 5  B DG  8  1_555 ? ? ? ? ? ? WATSON-CRICK ?     ? ? 
hydrog14 hydrog ?    ? A DG  6 N1    ? ? ? 1_555 B 5CM 1 N3 ? ? A DG  6  B 5CM 7  1_555 ? ? ? ? ? ? WATSON-CRICK ?     ? ? 
hydrog15 hydrog ?    ? A DG  6 N2    ? ? ? 1_555 B 5CM 1 O2 ? ? A DG  6  B 5CM 7  1_555 ? ? ? ? ? ? WATSON-CRICK ?     ? ? 
hydrog16 hydrog ?    ? A DG  6 O6    ? ? ? 1_555 B 5CM 1 N4 ? ? A DG  6  B 5CM 7  1_555 ? ? ? ? ? ? WATSON-CRICK ?     ? ? 
# 
loop_
_struct_conn_type.id 
_struct_conn_type.criteria 
_struct_conn_type.reference 
covale ? ? 
metalc ? ? 
hydrog ? ? 
# 
loop_
_pdbx_struct_conn_angle.id 
_pdbx_struct_conn_angle.ptnr1_label_atom_id 
_pdbx_struct_conn_angle.ptnr1_label_alt_id 
_pdbx_struct_conn_angle.ptnr1_label_asym_id 
_pdbx_struct_conn_angle.ptnr1_label_comp_id 
_pdbx_struct_conn_angle.ptnr1_label_seq_id 
_pdbx_struct_conn_angle.ptnr1_auth_atom_id 
_pdbx_struct_conn_angle.ptnr1_auth_asym_id 
_pdbx_struct_conn_angle.ptnr1_auth_comp_id 
_pdbx_struct_conn_angle.ptnr1_auth_seq_id 
_pdbx_struct_conn_angle.ptnr1_PDB_ins_code 
_pdbx_struct_conn_angle.ptnr1_symmetry 
_pdbx_struct_conn_angle.ptnr2_label_atom_id 
_pdbx_struct_conn_angle.ptnr2_label_alt_id 
_pdbx_struct_conn_angle.ptnr2_label_asym_id 
_pdbx_struct_conn_angle.ptnr2_label_comp_id 
_pdbx_struct_conn_angle.ptnr2_label_seq_id 
_pdbx_struct_conn_angle.ptnr2_auth_atom_id 
_pdbx_struct_conn_angle.ptnr2_auth_asym_id 
_pdbx_struct_conn_angle.ptnr2_auth_comp_id 
_pdbx_struct_conn_angle.ptnr2_auth_seq_id 
_pdbx_struct_conn_angle.ptnr2_PDB_ins_code 
_pdbx_struct_conn_angle.ptnr2_symmetry 
_pdbx_struct_conn_angle.ptnr3_label_atom_id 
_pdbx_struct_conn_angle.ptnr3_label_alt_id 
_pdbx_struct_conn_angle.ptnr3_label_asym_id 
_pdbx_struct_conn_angle.ptnr3_label_comp_id 
_pdbx_struct_conn_angle.ptnr3_label_seq_id 
_pdbx_struct_conn_angle.ptnr3_auth_atom_id 
_pdbx_struct_conn_angle.ptnr3_auth_asym_id 
_pdbx_struct_conn_angle.ptnr3_auth_comp_id 
_pdbx_struct_conn_angle.ptnr3_auth_seq_id 
_pdbx_struct_conn_angle.ptnr3_PDB_ins_code 
_pdbx_struct_conn_angle.ptnr3_symmetry 
_pdbx_struct_conn_angle.value 
_pdbx_struct_conn_angle.value_esd 
1  N7  ? A DG  2 ? A DG  2  ? 1_555 CU ? C CU  . ? A CU  7  ? 1_555 O   ? G HOH . ? A HOH 13 ? 1_555 115.8 ? 
2  N7  ? A DG  2 ? A DG  2  ? 1_555 CU ? C CU  . ? A CU  7  ? 1_555 O   ? G HOH . ? A HOH 14 ? 1_555 69.8  ? 
3  O   ? G HOH . ? A HOH 13 ? 1_555 CU ? C CU  . ? A CU  7  ? 1_555 O   ? G HOH . ? A HOH 14 ? 1_555 171.8 ? 
4  N7  ? A DG  2 ? A DG  2  ? 1_555 CU ? C CU  . ? A CU  7  ? 1_555 O   ? G HOH . ? A HOH 15 ? 1_555 80.6  ? 
5  O   ? G HOH . ? A HOH 13 ? 1_555 CU ? C CU  . ? A CU  7  ? 1_555 O   ? G HOH . ? A HOH 15 ? 1_555 97.3  ? 
6  O   ? G HOH . ? A HOH 14 ? 1_555 CU ? C CU  . ? A CU  7  ? 1_555 O   ? G HOH . ? A HOH 15 ? 1_555 89.4  ? 
7  N7  ? A DG  2 ? A DG  2  ? 1_555 CU ? C CU  . ? A CU  7  ? 1_555 O   ? G HOH . ? A HOH 16 ? 1_555 87.6  ? 
8  O   ? G HOH . ? A HOH 13 ? 1_555 CU ? C CU  . ? A CU  7  ? 1_555 O   ? G HOH . ? A HOH 16 ? 1_555 91.6  ? 
9  O   ? G HOH . ? A HOH 14 ? 1_555 CU ? C CU  . ? A CU  7  ? 1_555 O   ? G HOH . ? A HOH 16 ? 1_555 82.5  ? 
10 O   ? G HOH . ? A HOH 15 ? 1_555 CU ? C CU  . ? A CU  7  ? 1_555 O   ? G HOH . ? A HOH 16 ? 1_555 167.5 ? 
11 N7  ? A DG  2 ? A DG  2  ? 1_555 CU ? C CU  . ? A CU  7  ? 1_555 O   ? G HOH . ? A HOH 17 ? 1_555 165.6 ? 
12 O   ? G HOH . ? A HOH 13 ? 1_555 CU ? C CU  . ? A CU  7  ? 1_555 O   ? G HOH . ? A HOH 17 ? 1_555 78.0  ? 
13 O   ? G HOH . ? A HOH 14 ? 1_555 CU ? C CU  . ? A CU  7  ? 1_555 O   ? G HOH . ? A HOH 17 ? 1_555 96.1  ? 
14 O   ? G HOH . ? A HOH 15 ? 1_555 CU ? C CU  . ? A CU  7  ? 1_555 O   ? G HOH . ? A HOH 17 ? 1_555 102.5 ? 
15 O   ? G HOH . ? A HOH 16 ? 1_555 CU ? C CU  . ? A CU  7  ? 1_555 O   ? G HOH . ? A HOH 17 ? 1_555 87.9  ? 
16 N7  ? A DG  6 ? A DG  6  ? 1_555 CU ? D CU  . ? A CU  8  ? 1_555 O   ? G HOH . ? A HOH 18 ? 1_555 173.6 ? 
17 N7  ? A DG  6 ? A DG  6  ? 1_555 CU ? D CU  . ? A CU  8  ? 1_555 O   ? G HOH . ? A HOH 19 ? 1_555 95.8  ? 
18 O   ? G HOH . ? A HOH 18 ? 1_555 CU ? D CU  . ? A CU  8  ? 1_555 O   ? G HOH . ? A HOH 19 ? 1_555 88.1  ? 
19 N7  ? A DG  6 ? A DG  6  ? 1_555 CU ? D CU  . ? A CU  8  ? 1_555 O   ? G HOH . ? A HOH 20 ? 1_555 92.8  ? 
20 O   ? G HOH . ? A HOH 18 ? 1_555 CU ? D CU  . ? A CU  8  ? 1_555 O   ? G HOH . ? A HOH 20 ? 1_555 83.0  ? 
21 O   ? G HOH . ? A HOH 19 ? 1_555 CU ? D CU  . ? A CU  8  ? 1_555 O   ? G HOH . ? A HOH 20 ? 1_555 170.5 ? 
22 N7  ? A DG  6 ? A DG  6  ? 1_555 CU ? D CU  . ? A CU  8  ? 1_555 O   ? G HOH . ? A HOH 21 ? 1_555 95.0  ? 
23 O   ? G HOH . ? A HOH 18 ? 1_555 CU ? D CU  . ? A CU  8  ? 1_555 O   ? G HOH . ? A HOH 21 ? 1_555 80.0  ? 
24 O   ? G HOH . ? A HOH 19 ? 1_555 CU ? D CU  . ? A CU  8  ? 1_555 O   ? G HOH . ? A HOH 21 ? 1_555 88.8  ? 
25 O   ? G HOH . ? A HOH 20 ? 1_555 CU ? D CU  . ? A CU  8  ? 1_555 O   ? G HOH . ? A HOH 21 ? 1_555 86.4  ? 
26 N7  ? A DG  6 ? A DG  6  ? 1_555 CU ? D CU  . ? A CU  8  ? 1_555 O   ? G HOH . ? A HOH 22 ? 1_555 98.7  ? 
27 O   ? G HOH . ? A HOH 18 ? 1_555 CU ? D CU  . ? A CU  8  ? 1_555 O   ? G HOH . ? A HOH 22 ? 1_555 84.9  ? 
28 O   ? G HOH . ? A HOH 19 ? 1_555 CU ? D CU  . ? A CU  8  ? 1_555 O   ? G HOH . ? A HOH 22 ? 1_555 108.0 ? 
29 O   ? G HOH . ? A HOH 20 ? 1_555 CU ? D CU  . ? A CU  8  ? 1_555 O   ? G HOH . ? A HOH 22 ? 1_555 74.6  ? 
30 O   ? G HOH . ? A HOH 21 ? 1_555 CU ? D CU  . ? A CU  8  ? 1_555 O   ? G HOH . ? A HOH 22 ? 1_555 157.0 ? 
31 N7  ? B DG  2 ? B DG  8  ? 1_555 CU ? E CU  . ? B CU  13 ? 1_555 O   ? H HOH . ? B HOH 23 ? 1_555 106.1 ? 
32 N7  ? B DG  2 ? B DG  8  ? 1_555 CU ? E CU  . ? B CU  13 ? 1_555 O   ? H HOH . ? B HOH 24 ? 1_555 87.0  ? 
33 O   ? H HOH . ? B HOH 23 ? 1_555 CU ? E CU  . ? B CU  13 ? 1_555 O   ? H HOH . ? B HOH 24 ? 1_555 104.9 ? 
34 N7  ? B DG  2 ? B DG  8  ? 1_555 CU ? E CU  . ? B CU  13 ? 1_555 O   ? H HOH . ? B HOH 25 ? 1_555 79.1  ? 
35 O   ? H HOH . ? B HOH 23 ? 1_555 CU ? E CU  . ? B CU  13 ? 1_555 O   ? H HOH . ? B HOH 25 ? 1_555 164.1 ? 
36 O   ? H HOH . ? B HOH 24 ? 1_555 CU ? E CU  . ? B CU  13 ? 1_555 O   ? H HOH . ? B HOH 25 ? 1_555 90.3  ? 
37 N7  ? B DG  2 ? B DG  8  ? 1_555 CU ? E CU  . ? B CU  13 ? 1_555 O   ? H HOH . ? B HOH 26 ? 1_555 165.4 ? 
38 O   ? H HOH . ? B HOH 23 ? 1_555 CU ? E CU  . ? B CU  13 ? 1_555 O   ? H HOH . ? B HOH 26 ? 1_555 88.5  ? 
39 O   ? H HOH . ? B HOH 24 ? 1_555 CU ? E CU  . ? B CU  13 ? 1_555 O   ? H HOH . ? B HOH 26 ? 1_555 89.5  ? 
40 O   ? H HOH . ? B HOH 25 ? 1_555 CU ? E CU  . ? B CU  13 ? 1_555 O   ? H HOH . ? B HOH 26 ? 1_555 86.7  ? 
41 N7  ? B DA  4 ? B DA  10 ? 1_555 CU ? F CUL . ? B CUL 14 ? 4_566 CL1 ? F CUL . ? B CUL 14 ? 4_566 91.1  ? 
42 N7  ? B DA  4 ? B DA  10 ? 1_555 CU ? F CUL . ? B CUL 14 ? 4_566 CL2 ? F CUL . ? B CUL 14 ? 4_566 95.0  ? 
43 CL1 ? F CUL . ? B CUL 14 ? 4_566 CU ? F CUL . ? B CUL 14 ? 4_566 CL2 ? F CUL . ? B CUL 14 ? 4_566 158.9 ? 
44 N7  ? B DA  4 ? B DA  10 ? 1_555 CU ? F CUL . ? B CUL 14 ? 4_566 N7  ? B DG  6 ? B DG  12 ? 1_555 46.7  ? 
45 CL1 ? F CUL . ? B CUL 14 ? 4_566 CU ? F CUL . ? B CUL 14 ? 4_566 N7  ? B DG  6 ? B DG  12 ? 1_555 51.0  ? 
46 CL2 ? F CUL . ? B CUL 14 ? 4_566 CU ? F CUL . ? B CUL 14 ? 4_566 N7  ? B DG  6 ? B DG  12 ? 1_555 141.1 ? 
47 N7  ? B DA  4 ? B DA  10 ? 1_555 CU ? F CUL . ? B CUL 14 ? 4_566 O   ? H HOH . ? B HOH 27 ? 1_555 58.9  ? 
48 CL1 ? F CUL . ? B CUL 14 ? 4_566 CU ? F CUL . ? B CUL 14 ? 4_566 O   ? H HOH . ? B HOH 27 ? 1_555 46.5  ? 
49 CL2 ? F CUL . ? B CUL 14 ? 4_566 CU ? F CUL . ? B CUL 14 ? 4_566 O   ? H HOH . ? B HOH 27 ? 1_555 150.3 ? 
50 N7  ? B DG  6 ? B DG  12 ? 1_555 CU ? F CUL . ? B CUL 14 ? 4_566 O   ? H HOH . ? B HOH 27 ? 1_555 13.6  ? 
# 
loop_
_struct_site.id 
_struct_site.pdbx_evidence_code 
_struct_site.pdbx_auth_asym_id 
_struct_site.pdbx_auth_comp_id 
_struct_site.pdbx_auth_seq_id 
_struct_site.pdbx_auth_ins_code 
_struct_site.pdbx_num_residues 
_struct_site.details 
AC1 Software A CU  7  ? 7 'BINDING SITE FOR RESIDUE CU A 7'   
AC2 Software A CU  8  ? 6 'BINDING SITE FOR RESIDUE CU A 8'   
AC3 Software B CU  13 ? 5 'BINDING SITE FOR RESIDUE CU B 13'  
AC4 Software B CUL 14 ? 8 'BINDING SITE FOR RESIDUE CUL B 14' 
# 
loop_
_struct_site_gen.id 
_struct_site_gen.site_id 
_struct_site_gen.pdbx_num_res 
_struct_site_gen.label_comp_id 
_struct_site_gen.label_asym_id 
_struct_site_gen.label_seq_id 
_struct_site_gen.pdbx_auth_ins_code 
_struct_site_gen.auth_comp_id 
_struct_site_gen.auth_asym_id 
_struct_site_gen.auth_seq_id 
_struct_site_gen.label_atom_id 
_struct_site_gen.label_alt_id 
_struct_site_gen.symmetry 
_struct_site_gen.details 
1  AC1 7 DG  A 2 ? DG  A 2  . ? 1_555 ? 
2  AC1 7 HOH G . ? HOH A 13 . ? 1_555 ? 
3  AC1 7 HOH G . ? HOH A 14 . ? 1_555 ? 
4  AC1 7 HOH G . ? HOH A 15 . ? 1_555 ? 
5  AC1 7 HOH G . ? HOH A 16 . ? 1_555 ? 
6  AC1 7 HOH G . ? HOH A 17 . ? 1_555 ? 
7  AC1 7 5CM B 5 ? 5CM B 11 . ? 1_655 ? 
8  AC2 6 DG  A 6 ? DG  A 6  . ? 1_555 ? 
9  AC2 6 HOH G . ? HOH A 18 . ? 1_555 ? 
10 AC2 6 HOH G . ? HOH A 19 . ? 1_555 ? 
11 AC2 6 HOH G . ? HOH A 20 . ? 1_555 ? 
12 AC2 6 HOH G . ? HOH A 21 . ? 1_555 ? 
13 AC2 6 HOH G . ? HOH A 22 . ? 1_555 ? 
14 AC3 5 DG  B 2 ? DG  B 8  . ? 1_555 ? 
15 AC3 5 HOH H . ? HOH B 23 . ? 1_555 ? 
16 AC3 5 HOH H . ? HOH B 24 . ? 1_555 ? 
17 AC3 5 HOH H . ? HOH B 25 . ? 1_555 ? 
18 AC3 5 HOH H . ? HOH B 26 . ? 1_555 ? 
19 AC4 8 5CM B 1 ? 5CM B 7  . ? 2_664 ? 
20 AC4 8 DU  B 3 ? DU  B 9  . ? 4_466 ? 
21 AC4 8 DA  B 4 ? DA  B 10 . ? 4_466 ? 
22 AC4 8 5CM B 5 ? 5CM B 11 . ? 1_555 ? 
23 AC4 8 5CM B 5 ? 5CM B 11 . ? 4_466 ? 
24 AC4 8 DG  B 6 ? DG  B 12 . ? 1_555 ? 
25 AC4 8 HOH H . ? HOH B 27 . ? 1_555 ? 
26 AC4 8 HOH H . ? HOH B 81 . ? 1_555 ? 
# 
loop_
_pdbx_validate_close_contact.id 
_pdbx_validate_close_contact.PDB_model_num 
_pdbx_validate_close_contact.auth_atom_id_1 
_pdbx_validate_close_contact.auth_asym_id_1 
_pdbx_validate_close_contact.auth_comp_id_1 
_pdbx_validate_close_contact.auth_seq_id_1 
_pdbx_validate_close_contact.PDB_ins_code_1 
_pdbx_validate_close_contact.label_alt_id_1 
_pdbx_validate_close_contact.auth_atom_id_2 
_pdbx_validate_close_contact.auth_asym_id_2 
_pdbx_validate_close_contact.auth_comp_id_2 
_pdbx_validate_close_contact.auth_seq_id_2 
_pdbx_validate_close_contact.PDB_ins_code_2 
_pdbx_validate_close_contact.label_alt_id_2 
_pdbx_validate_close_contact.dist 
1  1 N2  B DG  12 ? ? O B HOH 58 ? ? 1.45 
2  1 O   B HOH 25 ? ? O B HOH 68 ? ? 1.76 
3  1 O   B HOH 40 ? ? O B HOH 62 ? ? 1.87 
4  1 O2  B DU  9  ? ? O B HOH 90 ? ? 1.89 
5  1 O   A HOH 67 ? ? O A HOH 94 ? ? 1.90 
6  1 O   B HOH 33 ? ? O B HOH 80 ? ? 1.91 
7  1 O   A HOH 49 ? ? O A HOH 94 ? ? 1.91 
8  1 O   A HOH 37 ? ? O A HOH 95 ? ? 1.91 
9  1 O   A HOH 51 ? ? O A HOH 91 ? ? 1.92 
10 1 O   B HOH 40 ? ? O B HOH 98 ? ? 1.94 
11 1 O   A HOH 76 ? ? O B HOH 30 ? ? 1.95 
12 1 OP2 A 5CM 5  ? ? O A HOH 37 ? ? 1.95 
13 1 O   B HOH 34 ? ? O B HOH 70 ? ? 1.99 
14 1 OP2 B DG  12 ? ? O B HOH 43 ? ? 2.02 
15 1 O   B HOH 52 ? ? O B HOH 64 ? ? 2.04 
16 1 OP2 A 5CM 5  ? ? O A HOH 67 ? ? 2.07 
17 1 O4  B DU  9  ? ? O B HOH 77 ? ? 2.10 
18 1 O2  A 5CM 1  ? ? O B HOH 58 ? ? 2.11 
19 1 O   B HOH 87 ? ? O B HOH 88 ? ? 2.14 
# 
loop_
_pdbx_validate_symm_contact.id 
_pdbx_validate_symm_contact.PDB_model_num 
_pdbx_validate_symm_contact.auth_atom_id_1 
_pdbx_validate_symm_contact.auth_asym_id_1 
_pdbx_validate_symm_contact.auth_comp_id_1 
_pdbx_validate_symm_contact.auth_seq_id_1 
_pdbx_validate_symm_contact.PDB_ins_code_1 
_pdbx_validate_symm_contact.label_alt_id_1 
_pdbx_validate_symm_contact.site_symmetry_1 
_pdbx_validate_symm_contact.auth_atom_id_2 
_pdbx_validate_symm_contact.auth_asym_id_2 
_pdbx_validate_symm_contact.auth_comp_id_2 
_pdbx_validate_symm_contact.auth_seq_id_2 
_pdbx_validate_symm_contact.PDB_ins_code_2 
_pdbx_validate_symm_contact.label_alt_id_2 
_pdbx_validate_symm_contact.site_symmetry_2 
_pdbx_validate_symm_contact.dist 
1 1 OP1 B DG  8  ? ? 1_555 O B HOH 62 ? ? 2_665 1.16 
2 1 OP2 B 5CM 11 ? ? 1_555 O A HOH 14 ? ? 1_455 1.86 
3 1 O   B HOH 65 ? ? 1_555 O B HOH 96 ? ? 2_665 2.17 
# 
loop_
_pdbx_validate_rmsd_bond.id 
_pdbx_validate_rmsd_bond.PDB_model_num 
_pdbx_validate_rmsd_bond.auth_atom_id_1 
_pdbx_validate_rmsd_bond.auth_asym_id_1 
_pdbx_validate_rmsd_bond.auth_comp_id_1 
_pdbx_validate_rmsd_bond.auth_seq_id_1 
_pdbx_validate_rmsd_bond.PDB_ins_code_1 
_pdbx_validate_rmsd_bond.label_alt_id_1 
_pdbx_validate_rmsd_bond.auth_atom_id_2 
_pdbx_validate_rmsd_bond.auth_asym_id_2 
_pdbx_validate_rmsd_bond.auth_comp_id_2 
_pdbx_validate_rmsd_bond.auth_seq_id_2 
_pdbx_validate_rmsd_bond.PDB_ins_code_2 
_pdbx_validate_rmsd_bond.label_alt_id_2 
_pdbx_validate_rmsd_bond.bond_value 
_pdbx_validate_rmsd_bond.bond_target_value 
_pdbx_validate_rmsd_bond.bond_deviation 
_pdbx_validate_rmsd_bond.bond_standard_deviation 
_pdbx_validate_rmsd_bond.linker_flag 
1  1 P     A DG 2  ? ? "O5'" A DG  2  ? ? 1.658 1.593 0.065  0.010 N 
2  1 "C4'" A DG 2  ? ? "C3'" A DG  2  ? ? 1.608 1.529 0.079  0.010 N 
3  1 "C3'" A DG 2  ? ? "C2'" A DG  2  ? ? 1.436 1.516 -0.080 0.008 N 
4  1 "O4'" A DG 2  ? ? "C1'" A DG  2  ? ? 1.511 1.420 0.091  0.011 N 
5  1 "C1'" A DG 2  ? ? N9    A DG  2  ? ? 1.355 1.468 -0.113 0.014 N 
6  1 C2    A DG 2  ? ? N3    A DG  2  ? ? 1.390 1.323 0.067  0.008 N 
7  1 C6    A DG 2  ? ? N1    A DG  2  ? ? 1.348 1.391 -0.043 0.007 N 
8  1 C5    A DG 2  ? ? N7    A DG  2  ? ? 1.330 1.388 -0.058 0.006 N 
9  1 N7    A DG 2  ? ? C8    A DG  2  ? ? 1.342 1.305 0.037  0.006 N 
10 1 C2    A DG 2  ? ? N2    A DG  2  ? ? 1.242 1.341 -0.099 0.010 N 
11 1 C6    A DG 2  ? ? O6    A DG  2  ? ? 1.301 1.237 0.064  0.009 N 
12 1 "C5'" A DU 3  ? ? "C4'" A DU  3  ? ? 1.573 1.512 0.061  0.007 N 
13 1 "O4'" A DU 3  ? ? "C4'" A DU  3  ? ? 1.365 1.446 -0.081 0.010 N 
14 1 "O3'" A DU 3  ? ? "C3'" A DU  3  ? ? 1.324 1.419 -0.095 0.006 N 
15 1 N3    A DU 3  ? ? C4    A DU  3  ? ? 1.303 1.380 -0.077 0.009 N 
16 1 P     A DA 4  ? ? "O5'" A DA  4  ? ? 1.696 1.593 0.103  0.010 N 
17 1 "C5'" A DA 4  ? ? "C4'" A DA  4  ? ? 1.570 1.512 0.058  0.007 N 
18 1 "O4'" A DA 4  ? ? "C4'" A DA  4  ? ? 1.330 1.446 -0.116 0.010 N 
19 1 C8    A DA 4  ? ? N9    A DA  4  ? ? 1.302 1.373 -0.071 0.008 N 
20 1 N9    A DA 4  ? ? C4    A DA  4  ? ? 1.427 1.374 0.053  0.006 N 
21 1 "O3'" A DA 4  ? ? P     A 5CM 5  ? ? 1.524 1.607 -0.083 0.012 Y 
22 1 P     A DG 6  ? ? "O5'" A DG  6  ? ? 1.657 1.593 0.064  0.010 N 
23 1 "C5'" A DG 6  ? ? "C4'" A DG  6  ? ? 1.574 1.512 0.062  0.007 N 
24 1 "C1'" A DG 6  ? ? N9    A DG  6  ? ? 1.311 1.468 -0.157 0.014 N 
25 1 N1    A DG 6  ? ? C2    A DG  6  ? ? 1.301 1.373 -0.072 0.008 N 
26 1 C6    A DG 6  ? ? N1    A DG  6  ? ? 1.345 1.391 -0.046 0.007 N 
27 1 C2    A DG 6  ? ? N2    A DG  6  ? ? 1.241 1.341 -0.100 0.010 N 
28 1 P     B DG 8  ? ? OP2   B DG  8  ? ? 1.349 1.485 -0.136 0.017 N 
29 1 P     B DG 8  ? ? "O5'" B DG  8  ? ? 1.727 1.593 0.134  0.010 N 
30 1 "C5'" B DG 8  ? ? "C4'" B DG  8  ? ? 1.560 1.512 0.048  0.007 N 
31 1 "C3'" B DG 8  ? ? "C2'" B DG  8  ? ? 1.463 1.516 -0.053 0.008 N 
32 1 "O3'" B DG 8  ? ? "C3'" B DG  8  ? ? 1.521 1.435 0.086  0.013 N 
33 1 N1    B DG 8  ? ? C2    B DG  8  ? ? 1.322 1.373 -0.051 0.008 N 
34 1 C2    B DG 8  ? ? N3    B DG  8  ? ? 1.373 1.323 0.050  0.008 N 
35 1 C6    B DG 8  ? ? N1    B DG  8  ? ? 1.285 1.391 -0.106 0.007 N 
36 1 C5    B DG 8  ? ? N7    B DG  8  ? ? 1.336 1.388 -0.052 0.006 N 
37 1 C8    B DG 8  ? ? N9    B DG  8  ? ? 1.325 1.374 -0.049 0.007 N 
38 1 C2    B DG 8  ? ? N2    B DG  8  ? ? 1.186 1.341 -0.155 0.010 N 
39 1 C6    B DG 8  ? ? O6    B DG  8  ? ? 1.300 1.237 0.063  0.009 N 
40 1 P     B DU 9  ? ? "O5'" B DU  9  ? ? 1.735 1.593 0.142  0.010 N 
41 1 "C5'" B DU 9  ? ? "C4'" B DU  9  ? ? 1.569 1.512 0.057  0.007 N 
42 1 "C3'" B DU 9  ? ? "C2'" B DU  9  ? ? 1.459 1.516 -0.057 0.008 N 
43 1 "O4'" B DU 9  ? ? "C4'" B DU  9  ? ? 1.365 1.446 -0.081 0.010 N 
44 1 "O3'" B DU 9  ? ? "C3'" B DU  9  ? ? 1.372 1.419 -0.047 0.006 N 
45 1 C2    B DU 9  ? ? N3    B DU  9  ? ? 1.304 1.373 -0.069 0.007 N 
46 1 P     B DA 10 ? ? "O5'" B DA  10 ? ? 1.713 1.593 0.120  0.010 N 
47 1 "C5'" B DA 10 ? ? "C4'" B DA  10 ? ? 1.593 1.512 0.081  0.007 N 
48 1 "O4'" B DA 10 ? ? "C1'" B DA  10 ? ? 1.520 1.420 0.100  0.011 N 
49 1 "C1'" B DA 10 ? ? N9    B DA  10 ? ? 1.361 1.468 -0.107 0.014 N 
50 1 C6    B DA 10 ? ? N1    B DA  10 ? ? 1.393 1.351 0.042  0.007 N 
51 1 C5    B DA 10 ? ? N7    B DA  10 ? ? 1.339 1.388 -0.049 0.006 N 
52 1 N9    B DA 10 ? ? C4    B DA  10 ? ? 1.421 1.374 0.047  0.006 N 
53 1 C6    B DA 10 ? ? N6    B DA  10 ? ? 1.388 1.335 0.053  0.008 N 
54 1 P     B DG 12 ? ? OP2   B DG  12 ? ? 1.360 1.485 -0.125 0.017 N 
55 1 "C4'" B DG 12 ? ? "C3'" B DG  12 ? ? 1.695 1.529 0.166  0.010 N 
56 1 "C2'" B DG 12 ? ? "C1'" B DG  12 ? ? 1.598 1.519 0.079  0.010 N 
57 1 "O3'" B DG 12 ? ? "C3'" B DG  12 ? ? 1.353 1.419 -0.066 0.006 N 
58 1 N1    B DG 12 ? ? C2    B DG  12 ? ? 1.425 1.373 0.052  0.008 N 
59 1 C6    B DG 12 ? ? N1    B DG  12 ? ? 1.349 1.391 -0.042 0.007 N 
60 1 C5    B DG 12 ? ? N7    B DG  12 ? ? 1.347 1.388 -0.041 0.006 N 
61 1 N7    B DG 12 ? ? C8    B DG  12 ? ? 1.386 1.305 0.081  0.006 N 
62 1 C8    B DG 12 ? ? N9    B DG  12 ? ? 1.330 1.374 -0.044 0.007 N 
63 1 N9    B DG 12 ? ? C4    B DG  12 ? ? 1.432 1.375 0.057  0.008 N 
64 1 C2    B DG 12 ? ? N2    B DG  12 ? ? 1.251 1.341 -0.090 0.010 N 
# 
loop_
_pdbx_validate_rmsd_angle.id 
_pdbx_validate_rmsd_angle.PDB_model_num 
_pdbx_validate_rmsd_angle.auth_atom_id_1 
_pdbx_validate_rmsd_angle.auth_asym_id_1 
_pdbx_validate_rmsd_angle.auth_comp_id_1 
_pdbx_validate_rmsd_angle.auth_seq_id_1 
_pdbx_validate_rmsd_angle.PDB_ins_code_1 
_pdbx_validate_rmsd_angle.label_alt_id_1 
_pdbx_validate_rmsd_angle.auth_atom_id_2 
_pdbx_validate_rmsd_angle.auth_asym_id_2 
_pdbx_validate_rmsd_angle.auth_comp_id_2 
_pdbx_validate_rmsd_angle.auth_seq_id_2 
_pdbx_validate_rmsd_angle.PDB_ins_code_2 
_pdbx_validate_rmsd_angle.label_alt_id_2 
_pdbx_validate_rmsd_angle.auth_atom_id_3 
_pdbx_validate_rmsd_angle.auth_asym_id_3 
_pdbx_validate_rmsd_angle.auth_comp_id_3 
_pdbx_validate_rmsd_angle.auth_seq_id_3 
_pdbx_validate_rmsd_angle.PDB_ins_code_3 
_pdbx_validate_rmsd_angle.label_alt_id_3 
_pdbx_validate_rmsd_angle.angle_value 
_pdbx_validate_rmsd_angle.angle_target_value 
_pdbx_validate_rmsd_angle.angle_deviation 
_pdbx_validate_rmsd_angle.angle_standard_deviation 
_pdbx_validate_rmsd_angle.linker_flag 
1  1 OP1   A DG  2  ? ? P     A DG  2  ? ? OP2   A DG  2  ? ? 132.68 119.60 13.08  1.50 N 
2  1 "O5'" A DG  2  ? ? P     A DG  2  ? ? OP1   A DG  2  ? ? 96.03  105.70 -9.67  0.90 N 
3  1 "O5'" A DG  2  ? ? P     A DG  2  ? ? OP2   A DG  2  ? ? 122.40 110.70 11.70  1.20 N 
4  1 "O5'" A DG  2  ? ? "C5'" A DG  2  ? ? "C4'" A DG  2  ? ? 96.85  109.40 -12.55 0.80 N 
5  1 P     A DG  2  ? ? "O5'" A DG  2  ? ? "C5'" A DG  2  ? ? 103.54 120.90 -17.36 1.60 N 
6  1 "C4'" A DG  2  ? ? "C3'" A DG  2  ? ? "C2'" A DG  2  ? ? 96.55  102.20 -5.65  0.70 N 
7  1 "C3'" A DG  2  ? ? "C2'" A DG  2  ? ? "C1'" A DG  2  ? ? 114.86 102.50 12.36  1.20 N 
8  1 "O4'" A DG  2  ? ? "C1'" A DG  2  ? ? N9    A DG  2  ? ? 100.44 108.00 -7.56  0.70 N 
9  1 C6    A DG  2  ? ? N1    A DG  2  ? ? C2    A DG  2  ? ? 116.24 125.10 -8.86  0.60 N 
10 1 N1    A DG  2  ? ? C2    A DG  2  ? ? N3    A DG  2  ? ? 130.11 123.90 6.21   0.60 N 
11 1 C2    A DG  2  ? ? N3    A DG  2  ? ? C4    A DG  2  ? ? 108.84 111.90 -3.06  0.50 N 
12 1 C5    A DG  2  ? ? C6    A DG  2  ? ? N1    A DG  2  ? ? 118.80 111.50 7.30   0.50 N 
13 1 C5    A DG  2  ? ? N7    A DG  2  ? ? C8    A DG  2  ? ? 108.03 104.30 3.73   0.50 N 
14 1 N7    A DG  2  ? ? C8    A DG  2  ? ? N9    A DG  2  ? ? 109.73 113.10 -3.37  0.50 N 
15 1 N3    A DG  2  ? ? C2    A DG  2  ? ? N2    A DG  2  ? ? 115.30 119.90 -4.60  0.70 N 
16 1 C5    A DG  2  ? ? C6    A DG  2  ? ? O6    A DG  2  ? ? 117.80 128.60 -10.80 0.60 N 
17 1 C8    A DG  2  ? ? N9    A DG  2  ? ? "C1'" A DG  2  ? ? 118.13 127.00 -8.87  1.30 N 
18 1 "O5'" A DU  3  ? ? P     A DU  3  ? ? OP1   A DU  3  ? ? 126.65 110.70 15.95  1.20 N 
19 1 "O5'" A DU  3  ? ? P     A DU  3  ? ? OP2   A DU  3  ? ? 98.76  105.70 -6.94  0.90 N 
20 1 "O5'" A DU  3  ? ? "C5'" A DU  3  ? ? "C4'" A DU  3  ? ? 91.58  109.40 -17.82 0.80 N 
21 1 "C1'" A DU  3  ? ? "O4'" A DU  3  ? ? "C4'" A DU  3  ? ? 116.54 110.30 6.24   0.70 N 
22 1 C5    A DU  3  ? ? C4    A DU  3  ? ? O4    A DU  3  ? ? 119.58 125.90 -6.32  0.60 N 
23 1 "O5'" A DA  4  ? ? P     A DA  4  ? ? OP1   A DA  4  ? ? 97.03  105.70 -8.67  0.90 N 
24 1 "O5'" A DA  4  ? ? "C5'" A DA  4  ? ? "C4'" A DA  4  ? ? 103.52 109.40 -5.88  0.80 N 
25 1 "O4'" A DA  4  ? ? "C4'" A DA  4  ? ? "C3'" A DA  4  ? ? 101.23 104.50 -3.27  0.40 N 
26 1 "C5'" A DA  4  ? ? "C4'" A DA  4  ? ? "C3'" A DA  4  ? ? 126.10 115.70 10.40  1.20 N 
27 1 "C1'" A DA  4  ? ? "O4'" A DA  4  ? ? "C4'" A DA  4  ? ? 121.56 110.30 11.26  0.70 N 
28 1 N1    A DA  4  ? ? C2    A DA  4  ? ? N3    A DA  4  ? ? 124.72 129.30 -4.58  0.50 N 
29 1 C4    A DA  4  ? ? C5    A DA  4  ? ? N7    A DA  4  ? ? 114.63 110.70 3.93   0.50 N 
30 1 C5    A DA  4  ? ? N7    A DA  4  ? ? C8    A DA  4  ? ? 99.46  103.90 -4.44  0.50 N 
31 1 N7    A DA  4  ? ? C8    A DA  4  ? ? N9    A DA  4  ? ? 118.56 113.80 4.76   0.50 N 
32 1 N9    A DA  4  ? ? C4    A DA  4  ? ? C5    A DA  4  ? ? 103.17 105.80 -2.63  0.40 N 
33 1 N1    A DA  4  ? ? C6    A DA  4  ? ? N6    A DA  4  ? ? 124.39 118.60 5.79   0.60 N 
34 1 C5    A DA  4  ? ? C6    A DA  4  ? ? N6    A DA  4  ? ? 118.19 123.70 -5.51  0.80 N 
35 1 "O3'" A DA  4  ? ? P     A 5CM 5  ? ? "O5'" A 5CM 5  ? ? 124.77 104.00 20.77  1.90 Y 
36 1 OP1   A DG  6  ? ? P     A DG  6  ? ? OP2   A DG  6  ? ? 130.27 119.60 10.67  1.50 N 
37 1 "O5'" A DG  6  ? ? P     A DG  6  ? ? OP1   A DG  6  ? ? 94.80  105.70 -10.90 0.90 N 
38 1 "O5'" A DG  6  ? ? "C5'" A DG  6  ? ? "C4'" A DG  6  ? ? 101.90 109.40 -7.50  0.80 N 
39 1 "O4'" A DG  6  ? ? "C1'" A DG  6  ? ? N9    A DG  6  ? ? 119.41 108.30 11.11  0.30 N 
40 1 C6    A DG  6  ? ? N1    A DG  6  ? ? C2    A DG  6  ? ? 115.22 125.10 -9.88  0.60 N 
41 1 N1    A DG  6  ? ? C2    A DG  6  ? ? N3    A DG  6  ? ? 134.83 123.90 10.93  0.60 N 
42 1 C2    A DG  6  ? ? N3    A DG  6  ? ? C4    A DG  6  ? ? 108.86 111.90 -3.04  0.50 N 
43 1 N3    A DG  6  ? ? C4    A DG  6  ? ? C5    A DG  6  ? ? 124.64 128.60 -3.96  0.50 N 
44 1 C5    A DG  6  ? ? C6    A DG  6  ? ? N1    A DG  6  ? ? 116.73 111.50 5.23   0.50 N 
45 1 N3    A DG  6  ? ? C2    A DG  6  ? ? N2    A DG  6  ? ? 104.32 119.90 -15.58 0.70 N 
46 1 N1    A DG  6  ? ? C6    A DG  6  ? ? O6    A DG  6  ? ? 112.05 119.90 -7.85  0.60 N 
47 1 "C3'" B 5CM 7  ? ? "O3'" B 5CM 7  ? ? P     B DG  8  ? ? 127.12 119.70 7.42   1.20 Y 
48 1 "O5'" B DG  8  ? ? "C5'" B DG  8  ? ? "C4'" B DG  8  ? ? 90.94  109.40 -18.46 0.80 N 
49 1 "C3'" B DG  8  ? ? "C2'" B DG  8  ? ? "C1'" B DG  8  ? ? 113.37 102.50 10.87  1.20 N 
50 1 "O4'" B DG  8  ? ? "C1'" B DG  8  ? ? N9    B DG  8  ? ? 103.29 108.00 -4.71  0.70 N 
51 1 N3    B DG  8  ? ? C4    B DG  8  ? ? C5    B DG  8  ? ? 124.36 128.60 -4.24  0.50 N 
52 1 C5    B DG  8  ? ? C6    B DG  8  ? ? N1    B DG  8  ? ? 115.48 111.50 3.98   0.50 N 
53 1 C5    B DG  8  ? ? N7    B DG  8  ? ? C8    B DG  8  ? ? 107.85 104.30 3.55   0.50 N 
54 1 N3    B DG  8  ? ? C4    B DG  8  ? ? N9    B DG  8  ? ? 130.86 126.00 4.86   0.60 N 
55 1 N1    B DG  8  ? ? C2    B DG  8  ? ? N2    B DG  8  ? ? 132.66 116.20 16.46  0.90 N 
56 1 N3    B DG  8  ? ? C2    B DG  8  ? ? N2    B DG  8  ? ? 104.81 119.90 -15.09 0.70 N 
57 1 N1    B DG  8  ? ? C6    B DG  8  ? ? O6    B DG  8  ? ? 126.50 119.90 6.60   0.60 N 
58 1 C5    B DG  8  ? ? C6    B DG  8  ? ? O6    B DG  8  ? ? 118.01 128.60 -10.59 0.60 N 
59 1 "O5'" B DU  9  ? ? P     B DU  9  ? ? OP2   B DU  9  ? ? 98.87  105.70 -6.83  0.90 N 
60 1 "O4'" B DU  9  ? ? "C4'" B DU  9  ? ? "C3'" B DU  9  ? ? 100.30 104.50 -4.20  0.40 N 
61 1 "C1'" B DU  9  ? ? "O4'" B DU  9  ? ? "C4'" B DU  9  ? ? 117.15 110.30 6.85   0.70 N 
62 1 "O4'" B DU  9  ? ? "C1'" B DU  9  ? ? "C2'" B DU  9  ? ? 100.18 105.90 -5.72  0.80 N 
63 1 C6    B DU  9  ? ? N1    B DU  9  ? ? C2    B DU  9  ? ? 114.98 121.00 -6.02  0.60 N 
64 1 C2    B DU  9  ? ? N3    B DU  9  ? ? C4    B DU  9  ? ? 130.64 127.00 3.64   0.60 N 
65 1 N3    B DU  9  ? ? C4    B DU  9  ? ? C5    B DU  9  ? ? 109.47 114.60 -5.13  0.60 N 
66 1 C5    B DU  9  ? ? C6    B DU  9  ? ? N1    B DU  9  ? ? 127.47 122.70 4.77   0.50 N 
67 1 C5    B DU  9  ? ? C4    B DU  9  ? ? O4    B DU  9  ? ? 131.41 125.90 5.51   0.60 N 
68 1 "O5'" B DA  10 ? ? P     B DA  10 ? ? OP2   B DA  10 ? ? 91.40  105.70 -14.30 0.90 N 
69 1 "O5'" B DA  10 ? ? "C5'" B DA  10 ? ? "C4'" B DA  10 ? ? 97.87  109.40 -11.53 0.80 N 
70 1 "O4'" B DA  10 ? ? "C4'" B DA  10 ? ? "C3'" B DA  10 ? ? 102.06 104.50 -2.44  0.40 N 
71 1 "C1'" B DA  10 ? ? "O4'" B DA  10 ? ? "C4'" B DA  10 ? ? 119.94 110.30 9.64   0.70 N 
72 1 "C3'" B DA  10 ? ? "C2'" B DA  10 ? ? "C1'" B DA  10 ? ? 110.47 102.50 7.97   1.20 N 
73 1 "O4'" B DA  10 ? ? "C1'" B DA  10 ? ? "C2'" B DA  10 ? ? 98.33  105.90 -7.57  0.80 N 
74 1 C6    B DA  10 ? ? N1    B DA  10 ? ? C2    B DA  10 ? ? 112.41 118.60 -6.19  0.60 N 
75 1 N1    B DA  10 ? ? C2    B DA  10 ? ? N3    B DA  10 ? ? 137.49 129.30 8.19   0.50 N 
76 1 C8    B DA  10 ? ? N9    B DA  10 ? ? C4    B DA  10 ? ? 102.54 105.80 -3.26  0.40 N 
77 1 N1    B DA  10 ? ? C6    B DA  10 ? ? N6    B DA  10 ? ? 108.74 118.60 -9.86  0.60 N 
78 1 C5    B DA  10 ? ? C6    B DA  10 ? ? N6    B DA  10 ? ? 133.66 123.70 9.96   0.80 N 
79 1 "O3'" B DA  10 ? ? P     B 5CM 11 ? ? "O5'" B 5CM 11 ? ? 123.17 104.00 19.17  1.90 Y 
80 1 "O3'" B 5CM 11 ? ? P     B DG  12 ? ? "O5'" B DG  12 ? ? 116.28 104.00 12.28  1.90 Y 
81 1 "O3'" B 5CM 11 ? ? P     B DG  12 ? ? OP2   B DG  12 ? ? 91.75  105.20 -13.45 2.20 Y 
82 1 OP1   B DG  12 ? ? P     B DG  12 ? ? OP2   B DG  12 ? ? 134.21 119.60 14.61  1.50 N 
83 1 "O5'" B DG  12 ? ? P     B DG  12 ? ? OP1   B DG  12 ? ? 99.83  105.70 -5.87  0.90 N 
84 1 "O5'" B DG  12 ? ? "C5'" B DG  12 ? ? "C4'" B DG  12 ? ? 100.05 109.40 -9.35  0.80 N 
85 1 "C4'" B DG  12 ? ? "C3'" B DG  12 ? ? "C2'" B DG  12 ? ? 94.61  102.20 -7.59  0.70 N 
86 1 "O4'" B DG  12 ? ? "C1'" B DG  12 ? ? "C2'" B DG  12 ? ? 100.95 105.90 -4.95  0.80 N 
87 1 C6    B DG  12 ? ? N1    B DG  12 ? ? C2    B DG  12 ? ? 111.38 125.10 -13.72 0.60 N 
88 1 N1    B DG  12 ? ? C2    B DG  12 ? ? N3    B DG  12 ? ? 132.02 123.90 8.12   0.60 N 
89 1 C5    B DG  12 ? ? C6    B DG  12 ? ? N1    B DG  12 ? ? 121.40 111.50 9.90   0.50 N 
90 1 C5    B DG  12 ? ? N7    B DG  12 ? ? C8    B DG  12 ? ? 109.81 104.30 5.51   0.50 N 
91 1 N7    B DG  12 ? ? C8    B DG  12 ? ? N9    B DG  12 ? ? 104.51 113.10 -8.59  0.50 N 
92 1 C8    B DG  12 ? ? N9    B DG  12 ? ? C4    B DG  12 ? ? 112.74 106.40 6.34   0.40 N 
93 1 N9    B DG  12 ? ? C4    B DG  12 ? ? C5    B DG  12 ? ? 102.15 105.40 -3.25  0.40 N 
94 1 N3    B DG  12 ? ? C4    B DG  12 ? ? N9    B DG  12 ? ? 130.68 126.00 4.68   0.60 N 
95 1 N1    B DG  12 ? ? C2    B DG  12 ? ? N2    B DG  12 ? ? 105.40 116.20 -10.80 0.90 N 
96 1 N1    B DG  12 ? ? C6    B DG  12 ? ? O6    B DG  12 ? ? 108.59 119.90 -11.31 0.60 N 
# 
loop_
_pdbx_struct_mod_residue.id 
_pdbx_struct_mod_residue.label_asym_id 
_pdbx_struct_mod_residue.label_comp_id 
_pdbx_struct_mod_residue.label_seq_id 
_pdbx_struct_mod_residue.auth_asym_id 
_pdbx_struct_mod_residue.auth_comp_id 
_pdbx_struct_mod_residue.auth_seq_id 
_pdbx_struct_mod_residue.PDB_ins_code 
_pdbx_struct_mod_residue.parent_comp_id 
_pdbx_struct_mod_residue.details 
1 A 5CM 1 A 5CM 1  ? DC ? 
2 A 5CM 5 A 5CM 5  ? DC ? 
3 B 5CM 1 B 5CM 7  ? DC ? 
4 B 5CM 5 B 5CM 11 ? DC ? 
# 
loop_
_refine_B_iso.class 
_refine_B_iso.details 
_refine_B_iso.treatment 
_refine_B_iso.pdbx_refine_id 
'ALL ATOMS'  TR isotropic 'X-RAY DIFFRACTION' 
'ALL WATERS' TR isotropic 'X-RAY DIFFRACTION' 
# 
loop_
_refine_occupancy.class 
_refine_occupancy.treatment 
_refine_occupancy.pdbx_refine_id 
'ALL ATOMS'  fix 'X-RAY DIFFRACTION' 
'ALL WATERS' fix 'X-RAY DIFFRACTION' 
# 
loop_
_chem_comp_atom.comp_id 
_chem_comp_atom.atom_id 
_chem_comp_atom.type_symbol 
_chem_comp_atom.pdbx_aromatic_flag 
_chem_comp_atom.pdbx_stereo_config 
_chem_comp_atom.pdbx_ordinal 
5CM N1     N  N N 1   
5CM C2     C  N N 2   
5CM N3     N  N N 3   
5CM C4     C  N N 4   
5CM C5     C  N N 5   
5CM C5A    C  N N 6   
5CM C6     C  N N 7   
5CM O2     O  N N 8   
5CM N4     N  N N 9   
5CM "C1'"  C  N R 10  
5CM "C2'"  C  N N 11  
5CM "C3'"  C  N S 12  
5CM "C4'"  C  N R 13  
5CM "O4'"  O  N N 14  
5CM "O3'"  O  N N 15  
5CM "C5'"  C  N N 16  
5CM "O5'"  O  N N 17  
5CM P      P  N N 18  
5CM OP1    O  N N 19  
5CM OP2    O  N N 20  
5CM OP3    O  N N 21  
5CM H5A1   H  N N 22  
5CM H5A2   H  N N 23  
5CM H5A3   H  N N 24  
5CM H6     H  N N 25  
5CM HN41   H  N N 26  
5CM HN42   H  N N 27  
5CM "H1'"  H  N N 28  
5CM "H2'"  H  N N 29  
5CM "H2''" H  N N 30  
5CM "H3'"  H  N N 31  
5CM "H4'"  H  N N 32  
5CM "HO3'" H  N N 33  
5CM "H5'"  H  N N 34  
5CM "H5''" H  N N 35  
5CM HOP2   H  N N 36  
5CM HOP3   H  N N 37  
CU  CU     CU N N 38  
CUL CU     CU N N 39  
CUL CL1    CL N N 40  
CUL CL2    CL N N 41  
DA  OP3    O  N N 42  
DA  P      P  N N 43  
DA  OP1    O  N N 44  
DA  OP2    O  N N 45  
DA  "O5'"  O  N N 46  
DA  "C5'"  C  N N 47  
DA  "C4'"  C  N R 48  
DA  "O4'"  O  N N 49  
DA  "C3'"  C  N S 50  
DA  "O3'"  O  N N 51  
DA  "C2'"  C  N N 52  
DA  "C1'"  C  N R 53  
DA  N9     N  Y N 54  
DA  C8     C  Y N 55  
DA  N7     N  Y N 56  
DA  C5     C  Y N 57  
DA  C6     C  Y N 58  
DA  N6     N  N N 59  
DA  N1     N  Y N 60  
DA  C2     C  Y N 61  
DA  N3     N  Y N 62  
DA  C4     C  Y N 63  
DA  HOP3   H  N N 64  
DA  HOP2   H  N N 65  
DA  "H5'"  H  N N 66  
DA  "H5''" H  N N 67  
DA  "H4'"  H  N N 68  
DA  "H3'"  H  N N 69  
DA  "HO3'" H  N N 70  
DA  "H2'"  H  N N 71  
DA  "H2''" H  N N 72  
DA  "H1'"  H  N N 73  
DA  H8     H  N N 74  
DA  H61    H  N N 75  
DA  H62    H  N N 76  
DA  H2     H  N N 77  
DG  OP3    O  N N 78  
DG  P      P  N N 79  
DG  OP1    O  N N 80  
DG  OP2    O  N N 81  
DG  "O5'"  O  N N 82  
DG  "C5'"  C  N N 83  
DG  "C4'"  C  N R 84  
DG  "O4'"  O  N N 85  
DG  "C3'"  C  N S 86  
DG  "O3'"  O  N N 87  
DG  "C2'"  C  N N 88  
DG  "C1'"  C  N R 89  
DG  N9     N  Y N 90  
DG  C8     C  Y N 91  
DG  N7     N  Y N 92  
DG  C5     C  Y N 93  
DG  C6     C  N N 94  
DG  O6     O  N N 95  
DG  N1     N  N N 96  
DG  C2     C  N N 97  
DG  N2     N  N N 98  
DG  N3     N  N N 99  
DG  C4     C  Y N 100 
DG  HOP3   H  N N 101 
DG  HOP2   H  N N 102 
DG  "H5'"  H  N N 103 
DG  "H5''" H  N N 104 
DG  "H4'"  H  N N 105 
DG  "H3'"  H  N N 106 
DG  "HO3'" H  N N 107 
DG  "H2'"  H  N N 108 
DG  "H2''" H  N N 109 
DG  "H1'"  H  N N 110 
DG  H8     H  N N 111 
DG  H1     H  N N 112 
DG  H21    H  N N 113 
DG  H22    H  N N 114 
DU  OP3    O  N N 115 
DU  P      P  N N 116 
DU  OP1    O  N N 117 
DU  OP2    O  N N 118 
DU  "O5'"  O  N N 119 
DU  "C5'"  C  N N 120 
DU  "C4'"  C  N R 121 
DU  "O4'"  O  N N 122 
DU  "C3'"  C  N S 123 
DU  "O3'"  O  N N 124 
DU  "C2'"  C  N N 125 
DU  "C1'"  C  N R 126 
DU  N1     N  N N 127 
DU  C2     C  N N 128 
DU  O2     O  N N 129 
DU  N3     N  N N 130 
DU  C4     C  N N 131 
DU  O4     O  N N 132 
DU  C5     C  N N 133 
DU  C6     C  N N 134 
DU  HOP3   H  N N 135 
DU  HOP2   H  N N 136 
DU  "H5'"  H  N N 137 
DU  "H5''" H  N N 138 
DU  "H4'"  H  N N 139 
DU  "H3'"  H  N N 140 
DU  "HO3'" H  N N 141 
DU  "H2'"  H  N N 142 
DU  "H2''" H  N N 143 
DU  "H1'"  H  N N 144 
DU  H3     H  N N 145 
DU  H5     H  N N 146 
DU  H6     H  N N 147 
HOH O      O  N N 148 
HOH H1     H  N N 149 
HOH H2     H  N N 150 
# 
loop_
_chem_comp_bond.comp_id 
_chem_comp_bond.atom_id_1 
_chem_comp_bond.atom_id_2 
_chem_comp_bond.value_order 
_chem_comp_bond.pdbx_aromatic_flag 
_chem_comp_bond.pdbx_stereo_config 
_chem_comp_bond.pdbx_ordinal 
5CM N1    C2     sing N N 1   
5CM N1    C6     sing N N 2   
5CM N1    "C1'"  sing N N 3   
5CM C2    N3     sing N N 4   
5CM C2    O2     doub N N 5   
5CM N3    C4     doub N N 6   
5CM C4    C5     sing N N 7   
5CM C4    N4     sing N N 8   
5CM C5    C5A    sing N N 9   
5CM C5    C6     doub N N 10  
5CM C5A   H5A1   sing N N 11  
5CM C5A   H5A2   sing N N 12  
5CM C5A   H5A3   sing N N 13  
5CM C6    H6     sing N N 14  
5CM N4    HN41   sing N N 15  
5CM N4    HN42   sing N N 16  
5CM "C1'" "C2'"  sing N N 17  
5CM "C1'" "O4'"  sing N N 18  
5CM "C1'" "H1'"  sing N N 19  
5CM "C2'" "C3'"  sing N N 20  
5CM "C2'" "H2'"  sing N N 21  
5CM "C2'" "H2''" sing N N 22  
5CM "C3'" "C4'"  sing N N 23  
5CM "C3'" "O3'"  sing N N 24  
5CM "C3'" "H3'"  sing N N 25  
5CM "C4'" "O4'"  sing N N 26  
5CM "C4'" "C5'"  sing N N 27  
5CM "C4'" "H4'"  sing N N 28  
5CM "O3'" "HO3'" sing N N 29  
5CM "C5'" "O5'"  sing N N 30  
5CM "C5'" "H5'"  sing N N 31  
5CM "C5'" "H5''" sing N N 32  
5CM "O5'" P      sing N N 33  
5CM P     OP1    doub N N 34  
5CM P     OP2    sing N N 35  
5CM P     OP3    sing N N 36  
5CM OP2   HOP2   sing N N 37  
5CM OP3   HOP3   sing N N 38  
CUL CU    CL1    sing N N 39  
CUL CU    CL2    sing N N 40  
DA  OP3   P      sing N N 41  
DA  OP3   HOP3   sing N N 42  
DA  P     OP1    doub N N 43  
DA  P     OP2    sing N N 44  
DA  P     "O5'"  sing N N 45  
DA  OP2   HOP2   sing N N 46  
DA  "O5'" "C5'"  sing N N 47  
DA  "C5'" "C4'"  sing N N 48  
DA  "C5'" "H5'"  sing N N 49  
DA  "C5'" "H5''" sing N N 50  
DA  "C4'" "O4'"  sing N N 51  
DA  "C4'" "C3'"  sing N N 52  
DA  "C4'" "H4'"  sing N N 53  
DA  "O4'" "C1'"  sing N N 54  
DA  "C3'" "O3'"  sing N N 55  
DA  "C3'" "C2'"  sing N N 56  
DA  "C3'" "H3'"  sing N N 57  
DA  "O3'" "HO3'" sing N N 58  
DA  "C2'" "C1'"  sing N N 59  
DA  "C2'" "H2'"  sing N N 60  
DA  "C2'" "H2''" sing N N 61  
DA  "C1'" N9     sing N N 62  
DA  "C1'" "H1'"  sing N N 63  
DA  N9    C8     sing Y N 64  
DA  N9    C4     sing Y N 65  
DA  C8    N7     doub Y N 66  
DA  C8    H8     sing N N 67  
DA  N7    C5     sing Y N 68  
DA  C5    C6     sing Y N 69  
DA  C5    C4     doub Y N 70  
DA  C6    N6     sing N N 71  
DA  C6    N1     doub Y N 72  
DA  N6    H61    sing N N 73  
DA  N6    H62    sing N N 74  
DA  N1    C2     sing Y N 75  
DA  C2    N3     doub Y N 76  
DA  C2    H2     sing N N 77  
DA  N3    C4     sing Y N 78  
DG  OP3   P      sing N N 79  
DG  OP3   HOP3   sing N N 80  
DG  P     OP1    doub N N 81  
DG  P     OP2    sing N N 82  
DG  P     "O5'"  sing N N 83  
DG  OP2   HOP2   sing N N 84  
DG  "O5'" "C5'"  sing N N 85  
DG  "C5'" "C4'"  sing N N 86  
DG  "C5'" "H5'"  sing N N 87  
DG  "C5'" "H5''" sing N N 88  
DG  "C4'" "O4'"  sing N N 89  
DG  "C4'" "C3'"  sing N N 90  
DG  "C4'" "H4'"  sing N N 91  
DG  "O4'" "C1'"  sing N N 92  
DG  "C3'" "O3'"  sing N N 93  
DG  "C3'" "C2'"  sing N N 94  
DG  "C3'" "H3'"  sing N N 95  
DG  "O3'" "HO3'" sing N N 96  
DG  "C2'" "C1'"  sing N N 97  
DG  "C2'" "H2'"  sing N N 98  
DG  "C2'" "H2''" sing N N 99  
DG  "C1'" N9     sing N N 100 
DG  "C1'" "H1'"  sing N N 101 
DG  N9    C8     sing Y N 102 
DG  N9    C4     sing Y N 103 
DG  C8    N7     doub Y N 104 
DG  C8    H8     sing N N 105 
DG  N7    C5     sing Y N 106 
DG  C5    C6     sing N N 107 
DG  C5    C4     doub Y N 108 
DG  C6    O6     doub N N 109 
DG  C6    N1     sing N N 110 
DG  N1    C2     sing N N 111 
DG  N1    H1     sing N N 112 
DG  C2    N2     sing N N 113 
DG  C2    N3     doub N N 114 
DG  N2    H21    sing N N 115 
DG  N2    H22    sing N N 116 
DG  N3    C4     sing N N 117 
DU  OP3   P      sing N N 118 
DU  OP3   HOP3   sing N N 119 
DU  P     OP1    doub N N 120 
DU  P     OP2    sing N N 121 
DU  P     "O5'"  sing N N 122 
DU  OP2   HOP2   sing N N 123 
DU  "O5'" "C5'"  sing N N 124 
DU  "C5'" "C4'"  sing N N 125 
DU  "C5'" "H5'"  sing N N 126 
DU  "C5'" "H5''" sing N N 127 
DU  "C4'" "O4'"  sing N N 128 
DU  "C4'" "C3'"  sing N N 129 
DU  "C4'" "H4'"  sing N N 130 
DU  "O4'" "C1'"  sing N N 131 
DU  "C3'" "O3'"  sing N N 132 
DU  "C3'" "C2'"  sing N N 133 
DU  "C3'" "H3'"  sing N N 134 
DU  "O3'" "HO3'" sing N N 135 
DU  "C2'" "C1'"  sing N N 136 
DU  "C2'" "H2'"  sing N N 137 
DU  "C2'" "H2''" sing N N 138 
DU  "C1'" N1     sing N N 139 
DU  "C1'" "H1'"  sing N N 140 
DU  N1    C2     sing N N 141 
DU  N1    C6     sing N N 142 
DU  C2    O2     doub N N 143 
DU  C2    N3     sing N N 144 
DU  N3    C4     sing N N 145 
DU  N3    H3     sing N N 146 
DU  C4    O4     doub N N 147 
DU  C4    C5     sing N N 148 
DU  C5    C6     doub N N 149 
DU  C5    H5     sing N N 150 
DU  C6    H6     sing N N 151 
HOH O     H1     sing N N 152 
HOH O     H2     sing N N 153 
# 
_ndb_struct_conf_na.entry_id   1D40 
_ndb_struct_conf_na.feature    'z-form double helix' 
# 
loop_
_ndb_struct_na_base_pair.model_number 
_ndb_struct_na_base_pair.i_label_asym_id 
_ndb_struct_na_base_pair.i_label_comp_id 
_ndb_struct_na_base_pair.i_label_seq_id 
_ndb_struct_na_base_pair.i_symmetry 
_ndb_struct_na_base_pair.j_label_asym_id 
_ndb_struct_na_base_pair.j_label_comp_id 
_ndb_struct_na_base_pair.j_label_seq_id 
_ndb_struct_na_base_pair.j_symmetry 
_ndb_struct_na_base_pair.shear 
_ndb_struct_na_base_pair.stretch 
_ndb_struct_na_base_pair.stagger 
_ndb_struct_na_base_pair.buckle 
_ndb_struct_na_base_pair.propeller 
_ndb_struct_na_base_pair.opening 
_ndb_struct_na_base_pair.pair_number 
_ndb_struct_na_base_pair.pair_name 
_ndb_struct_na_base_pair.i_auth_asym_id 
_ndb_struct_na_base_pair.i_auth_seq_id 
_ndb_struct_na_base_pair.i_PDB_ins_code 
_ndb_struct_na_base_pair.j_auth_asym_id 
_ndb_struct_na_base_pair.j_auth_seq_id 
_ndb_struct_na_base_pair.j_PDB_ins_code 
_ndb_struct_na_base_pair.hbond_type_28 
_ndb_struct_na_base_pair.hbond_type_12 
1 A 5CM 1 1_555 B DG  6 1_555 -0.335 -0.110 0.216  6.209  -5.903 1.036  1 A_5CM1:DG12_B A 1 ? B 12 ? 19 1 
1 A DG  2 1_555 B 5CM 5 1_555 0.482  -0.146 0.488  -3.662 8.703  -0.582 2 A_DG2:5CM11_B A 2 ? B 11 ? 19 1 
1 A DU  3 1_555 B DA  4 1_555 -0.114 -0.038 -0.009 6.788  -0.801 -4.165 3 A_DU3:DA10_B  A 3 ? B 10 ? 20 1 
1 A DA  4 1_555 B DU  3 1_555 0.282  -0.127 0.295  -9.424 -1.844 3.841  4 A_DA4:DU9_B   A 4 ? B 9  ? 20 1 
1 A 5CM 5 1_555 B DG  2 1_555 -0.422 -0.299 0.193  -0.890 -1.791 -0.932 5 A_5CM5:DG8_B  A 5 ? B 8  ? 19 1 
1 A DG  6 1_555 B 5CM 1 1_555 0.557  -0.035 0.268  -4.606 -1.911 -6.065 6 A_DG6:5CM7_B  A 6 ? B 7  ? 19 1 
# 
loop_
_ndb_struct_na_base_pair_step.model_number 
_ndb_struct_na_base_pair_step.i_label_asym_id_1 
_ndb_struct_na_base_pair_step.i_label_comp_id_1 
_ndb_struct_na_base_pair_step.i_label_seq_id_1 
_ndb_struct_na_base_pair_step.i_symmetry_1 
_ndb_struct_na_base_pair_step.j_label_asym_id_1 
_ndb_struct_na_base_pair_step.j_label_comp_id_1 
_ndb_struct_na_base_pair_step.j_label_seq_id_1 
_ndb_struct_na_base_pair_step.j_symmetry_1 
_ndb_struct_na_base_pair_step.i_label_asym_id_2 
_ndb_struct_na_base_pair_step.i_label_comp_id_2 
_ndb_struct_na_base_pair_step.i_label_seq_id_2 
_ndb_struct_na_base_pair_step.i_symmetry_2 
_ndb_struct_na_base_pair_step.j_label_asym_id_2 
_ndb_struct_na_base_pair_step.j_label_comp_id_2 
_ndb_struct_na_base_pair_step.j_label_seq_id_2 
_ndb_struct_na_base_pair_step.j_symmetry_2 
_ndb_struct_na_base_pair_step.shift 
_ndb_struct_na_base_pair_step.slide 
_ndb_struct_na_base_pair_step.rise 
_ndb_struct_na_base_pair_step.tilt 
_ndb_struct_na_base_pair_step.roll 
_ndb_struct_na_base_pair_step.twist 
_ndb_struct_na_base_pair_step.x_displacement 
_ndb_struct_na_base_pair_step.y_displacement 
_ndb_struct_na_base_pair_step.helical_rise 
_ndb_struct_na_base_pair_step.inclination 
_ndb_struct_na_base_pair_step.tip 
_ndb_struct_na_base_pair_step.helical_twist 
_ndb_struct_na_base_pair_step.step_number 
_ndb_struct_na_base_pair_step.step_name 
_ndb_struct_na_base_pair_step.i_auth_asym_id_1 
_ndb_struct_na_base_pair_step.i_auth_seq_id_1 
_ndb_struct_na_base_pair_step.i_PDB_ins_code_1 
_ndb_struct_na_base_pair_step.j_auth_asym_id_1 
_ndb_struct_na_base_pair_step.j_auth_seq_id_1 
_ndb_struct_na_base_pair_step.j_PDB_ins_code_1 
_ndb_struct_na_base_pair_step.i_auth_asym_id_2 
_ndb_struct_na_base_pair_step.i_auth_seq_id_2 
_ndb_struct_na_base_pair_step.i_PDB_ins_code_2 
_ndb_struct_na_base_pair_step.j_auth_asym_id_2 
_ndb_struct_na_base_pair_step.j_auth_seq_id_2 
_ndb_struct_na_base_pair_step.j_PDB_ins_code_2 
1 A 5CM 1 1_555 B DG  6 1_555 A DG  2 1_555 B 5CM 5 1_555 0.218  5.692  4.032 2.928  1.127  -11.976 -27.974 5.104  3.334 -5.282  
13.728  -12.378 1 AA_5CM1DG2:5CM11DG12_BB A 1 ? B 12 ? A 2 ? B 11 ? 
1 A DG  2 1_555 B 5CM 5 1_555 A DU  3 1_555 B DA  4 1_555 -0.123 -0.785 3.328 1.146  -2.967 -46.720 1.236   -0.059 3.277 3.736   
1.443   -46.822 2 AA_DG2DU3:DA105CM11_BB  A 2 ? B 11 ? A 3 ? B 10 ? 
1 A DU  3 1_555 B DA  4 1_555 A DA  4 1_555 B DU  3 1_555 0.502  5.285  3.932 -5.192 -5.683 -10.021 -13.071 -7.726 5.700 27.765  
-25.367 -12.630 3 AA_DU3DA4:DU9DA10_BB    A 3 ? B 10 ? A 4 ? B 9  ? 
1 A DA  4 1_555 B DU  3 1_555 A 5CM 5 1_555 B DG  2 1_555 -0.381 -1.162 3.336 3.682  1.109  -52.032 1.246   -0.183 3.376 -1.262  
4.191   -52.164 4 AA_DA45CM5:DG8DU9_BB    A 4 ? B 9  ? A 5 ? B 8  ? 
1 A 5CM 5 1_555 B DG  2 1_555 A DG  6 1_555 B 5CM 1 1_555 -0.231 5.312  3.712 -1.643 2.071  -11.295 -29.120 -3.392 2.637 -10.340 
-8.201  -11.599 5 AA_5CM5DG6:5CM7DG8_BB   A 5 ? B 8  ? A 6 ? B 7  ? 
# 
_pdbx_initial_refinement_model.accession_code   1D41 
_pdbx_initial_refinement_model.id               1 
_pdbx_initial_refinement_model.entity_id_list   ? 
_pdbx_initial_refinement_model.type             'experimental model' 
_pdbx_initial_refinement_model.source_name      PDB 
_pdbx_initial_refinement_model.details          ZDFB24 
# 
_atom_sites.entry_id                    1D40 
_atom_sites.fract_transf_matrix[1][1]   0.03934475 
_atom_sites.fract_transf_matrix[1][2]   0.03977947 
_atom_sites.fract_transf_matrix[1][3]   -0.01008069 
_atom_sites.fract_transf_matrix[2][1]   -0.02347248 
_atom_sites.fract_transf_matrix[2][2]   0.02096618 
_atom_sites.fract_transf_matrix[2][3]   -0.00887791 
_atom_sites.fract_transf_matrix[3][1]   -0.00171333 
_atom_sites.fract_transf_matrix[3][2]   0.00707923 
_atom_sites.fract_transf_matrix[3][3]   0.02124830 
_atom_sites.fract_transf_vector[1]      0.764901 
_atom_sites.fract_transf_vector[2]      0.486044 
_atom_sites.fract_transf_vector[3]      0.631295 
# 
loop_
_atom_type.symbol 
C  
CL 
CU 
N  
O  
P  
# 
loop_
_atom_site.group_PDB 
_atom_site.id 
_atom_site.type_symbol 
_atom_site.label_atom_id 
_atom_site.label_alt_id 
_atom_site.label_comp_id 
_atom_site.label_asym_id 
_atom_site.label_entity_id 
_atom_site.label_seq_id 
_atom_site.pdbx_PDB_ins_code 
_atom_site.Cartn_x 
_atom_site.Cartn_y 
_atom_site.Cartn_z 
_atom_site.occupancy 
_atom_site.B_iso_or_equiv 
_atom_site.pdbx_formal_charge 
_atom_site.auth_seq_id 
_atom_site.auth_comp_id 
_atom_site.auth_asym_id 
_atom_site.auth_atom_id 
_atom_site.pdbx_PDB_model_num 
HETATM 1   N  N1    . 5CM A 1 1 ? -0.478 0.342   -9.724  1.00 8.30  ? 1  5CM A N1    1 
HETATM 2   C  C2    . 5CM A 1 1 ? -1.224 -0.735  -9.556  1.00 8.10  ? 1  5CM A C2    1 
HETATM 3   N  N3    . 5CM A 1 1 ? -2.584 -0.697  -9.833  1.00 8.20  ? 1  5CM A N3    1 
HETATM 4   C  C4    . 5CM A 1 1 ? -3.099 0.567   -10.266 1.00 6.70  ? 1  5CM A C4    1 
HETATM 5   C  C5    . 5CM A 1 1 ? -2.252 1.666   -10.441 1.00 6.90  ? 1  5CM A C5    1 
HETATM 6   C  C5A   . 5CM A 1 1 ? -2.901 2.937   -10.946 1.00 8.00  ? 1  5CM A C5A   1 
HETATM 7   C  C6    . 5CM A 1 1 ? -0.958 1.534   -10.183 1.00 8.40  ? 1  5CM A C6    1 
HETATM 8   O  O2    . 5CM A 1 1 ? -0.908 -1.899  -9.180  1.00 9.90  ? 1  5CM A O2    1 
HETATM 9   N  N4    . 5CM A 1 1 ? -4.432 0.494   -10.440 1.00 7.00  ? 1  5CM A N4    1 
HETATM 10  C  "C1'" . 5CM A 1 1 ? 0.998  0.084   -9.363  1.00 10.70 ? 1  5CM A "C1'" 1 
HETATM 11  C  "C2'" . 5CM A 1 1 ? 1.827  -0.103  -10.720 1.00 13.80 ? 1  5CM A "C2'" 1 
HETATM 12  C  "C3'" . 5CM A 1 1 ? 3.217  0.388   -10.195 1.00 15.80 ? 1  5CM A "C3'" 1 
HETATM 13  C  "C4'" . 5CM A 1 1 ? 2.971  1.503   -9.178  1.00 14.00 ? 1  5CM A "C4'" 1 
HETATM 14  O  "O4'" . 5CM A 1 1 ? 1.582  1.196   -8.843  1.00 10.90 ? 1  5CM A "O4'" 1 
HETATM 15  O  "O3'" . 5CM A 1 1 ? 3.938  -0.521  -9.366  1.00 18.50 ? 1  5CM A "O3'" 1 
HETATM 16  C  "C5'" . 5CM A 1 1 ? 3.381  2.876   -9.575  1.00 14.20 ? 1  5CM A "C5'" 1 
HETATM 17  O  "O5'" . 5CM A 1 1 ? 2.615  2.893   -10.809 1.00 16.90 ? 1  5CM A "O5'" 1 
ATOM   18  P  P     . DG  A 1 2 ? 5.519  -0.796  -9.643  1.00 19.90 ? 2  DG  A P     1 
ATOM   19  O  OP1   . DG  A 1 2 ? 5.883  -0.167  -10.940 1.00 19.40 ? 2  DG  A OP1   1 
ATOM   20  O  OP2   . DG  A 1 2 ? 5.470  -2.175  -9.200  1.00 18.30 ? 2  DG  A OP2   1 
ATOM   21  O  "O5'" . DG  A 1 2 ? 6.104  0.425   -8.687  1.00 19.10 ? 2  DG  A "O5'" 1 
ATOM   22  C  "C5'" . DG  A 1 2 ? 5.860  -0.067  -7.305  1.00 17.10 ? 2  DG  A "C5'" 1 
ATOM   23  C  "C4'" . DG  A 1 2 ? 6.451  1.146   -6.570  1.00 16.20 ? 2  DG  A "C4'" 1 
ATOM   24  O  "O4'" . DG  A 1 2 ? 5.796  2.326   -7.120  1.00 14.50 ? 2  DG  A "O4'" 1 
ATOM   25  C  "C3'" . DG  A 1 2 ? 6.031  1.048   -5.021  1.00 15.70 ? 2  DG  A "C3'" 1 
ATOM   26  O  "O3'" . DG  A 1 2 ? 7.165  0.367   -4.410  1.00 18.60 ? 2  DG  A "O3'" 1 
ATOM   27  C  "C2'" . DG  A 1 2 ? 5.987  2.462   -4.773  1.00 13.80 ? 2  DG  A "C2'" 1 
ATOM   28  C  "C1'" . DG  A 1 2 ? 5.665  3.302   -5.973  1.00 12.10 ? 2  DG  A "C1'" 1 
ATOM   29  N  N9    . DG  A 1 2 ? 4.340  3.579   -6.037  1.00 10.80 ? 2  DG  A N9    1 
ATOM   30  C  C8    . DG  A 1 2 ? 3.969  4.836   -6.332  1.00 10.10 ? 2  DG  A C8    1 
ATOM   31  N  N7    . DG  A 1 2 ? 2.632  4.907   -6.411  1.00 10.30 ? 2  DG  A N7    1 
ATOM   32  C  C5    . DG  A 1 2 ? 2.144  3.680   -6.248  1.00 8.80  ? 2  DG  A C5    1 
ATOM   33  C  C6    . DG  A 1 2 ? 0.830  3.199   -6.139  1.00 8.70  ? 2  DG  A C6    1 
ATOM   34  O  O6    . DG  A 1 2 ? -0.142 4.028   -6.384  1.00 8.80  ? 2  DG  A O6    1 
ATOM   35  N  N1    . DG  A 1 2 ? 0.635  1.877   -5.964  1.00 7.90  ? 2  DG  A N1    1 
ATOM   36  C  C2    . DG  A 1 2 ? 1.759  1.121   -5.758  1.00 7.70  ? 2  DG  A C2    1 
ATOM   37  N  N2    . DG  A 1 2 ? 1.529  -0.061  -5.455  1.00 7.30  ? 2  DG  A N2    1 
ATOM   38  N  N3    . DG  A 1 2 ? 3.095  1.500   -5.702  1.00 8.50  ? 2  DG  A N3    1 
ATOM   39  C  C4    . DG  A 1 2 ? 3.187  2.791   -5.990  1.00 9.90  ? 2  DG  A C4    1 
ATOM   40  P  P     . DU  A 1 3 ? 7.121  -1.042  -3.596  1.00 20.00 ? 3  DU  A P     1 
ATOM   41  O  OP1   . DU  A 1 3 ? 8.531  -1.155  -3.275  1.00 21.00 ? 3  DU  A OP1   1 
ATOM   42  O  OP2   . DU  A 1 3 ? 6.448  -1.987  -4.516  1.00 19.60 ? 3  DU  A OP2   1 
ATOM   43  O  "O5'" . DU  A 1 3 ? 5.891  -0.808  -2.535  1.00 18.70 ? 3  DU  A "O5'" 1 
ATOM   44  C  "C5'" . DU  A 1 3 ? 6.247  -0.781  -1.178  1.00 16.60 ? 3  DU  A "C5'" 1 
ATOM   45  C  "C4'" . DU  A 1 3 ? 4.846  -1.359  -0.755  1.00 14.30 ? 3  DU  A "C4'" 1 
ATOM   46  O  "O4'" . DU  A 1 3 ? 4.070  -0.241  -0.655  1.00 11.90 ? 3  DU  A "O4'" 1 
ATOM   47  C  "C3'" . DU  A 1 3 ? 4.039  -2.259  -1.747  1.00 14.40 ? 3  DU  A "C3'" 1 
ATOM   48  O  "O3'" . DU  A 1 3 ? 3.262  -3.224  -1.280  1.00 15.10 ? 3  DU  A "O3'" 1 
ATOM   49  C  "C2'" . DU  A 1 3 ? 2.970  -1.367  -2.292  1.00 12.60 ? 3  DU  A "C2'" 1 
ATOM   50  C  "C1'" . DU  A 1 3 ? 2.787  -0.331  -1.166  1.00 9.00  ? 3  DU  A "C1'" 1 
ATOM   51  N  N1    . DU  A 1 3 ? 2.413  1.017   -1.745  1.00 6.60  ? 3  DU  A N1    1 
ATOM   52  C  C2    . DU  A 1 3 ? 1.082  1.167   -2.075  1.00 5.60  ? 3  DU  A C2    1 
ATOM   53  O  O2    . DU  A 1 3 ? 0.252  0.301   -1.824  1.00 6.00  ? 3  DU  A O2    1 
ATOM   54  N  N3    . DU  A 1 3 ? 0.661  2.408   -2.567  1.00 5.40  ? 3  DU  A N3    1 
ATOM   55  C  C4    . DU  A 1 3 ? 1.458  3.426   -2.724  1.00 5.30  ? 3  DU  A C4    1 
ATOM   56  O  O4    . DU  A 1 3 ? 1.048  4.561   -3.078  1.00 7.30  ? 3  DU  A O4    1 
ATOM   57  C  C5    . DU  A 1 3 ? 2.864  3.253   -2.332  1.00 6.60  ? 3  DU  A C5    1 
ATOM   58  C  C6    . DU  A 1 3 ? 3.227  2.053   -1.886  1.00 4.50  ? 3  DU  A C6    1 
ATOM   59  P  P     . DA  A 1 4 ? 3.914  -4.646  -0.891  1.00 17.60 ? 4  DA  A P     1 
ATOM   60  O  OP1   . DA  A 1 4 ? 5.035  -5.008  -1.708  1.00 17.60 ? 4  DA  A OP1   1 
ATOM   61  O  OP2   . DA  A 1 4 ? 2.769  -5.575  -0.687  1.00 17.80 ? 4  DA  A OP2   1 
ATOM   62  O  "O5'" . DA  A 1 4 ? 4.777  -4.394  0.547   1.00 16.30 ? 4  DA  A "O5'" 1 
ATOM   63  C  "C5'" . DA  A 1 4 ? 4.148  -3.944  1.785   1.00 13.30 ? 4  DA  A "C5'" 1 
ATOM   64  C  "C4'" . DA  A 1 4 ? 5.368  -3.605  2.713   1.00 12.00 ? 4  DA  A "C4'" 1 
ATOM   65  O  "O4'" . DA  A 1 4 ? 6.143  -2.677  2.161   1.00 10.10 ? 4  DA  A "O4'" 1 
ATOM   66  C  "C3'" . DA  A 1 4 ? 5.289  -3.097  4.188   1.00 13.10 ? 4  DA  A "C3'" 1 
ATOM   67  O  "O3'" . DA  A 1 4 ? 5.361  -4.261  5.100   1.00 16.20 ? 4  DA  A "O3'" 1 
ATOM   68  C  "C2'" . DA  A 1 4 ? 6.467  -2.190  4.393   1.00 11.90 ? 4  DA  A "C2'" 1 
ATOM   69  C  "C1'" . DA  A 1 4 ? 6.913  -1.781  2.954   1.00 9.70  ? 4  DA  A "C1'" 1 
ATOM   70  N  N9    . DA  A 1 4 ? 6.529  -0.500  2.555   1.00 9.30  ? 4  DA  A N9    1 
ATOM   71  C  C8    . DA  A 1 4 ? 7.304  0.459   2.137   1.00 9.60  ? 4  DA  A C8    1 
ATOM   72  N  N7    . DA  A 1 4 ? 6.747  1.623   1.782   1.00 7.90  ? 4  DA  A N7    1 
ATOM   73  C  C5    . DA  A 1 4 ? 5.437  1.316   1.986   1.00 7.60  ? 4  DA  A C5    1 
ATOM   74  C  C6    . DA  A 1 4 ? 4.282  2.097   1.767   1.00 8.40  ? 4  DA  A C6    1 
ATOM   75  N  N6    . DA  A 1 4 ? 4.439  3.347   1.248   1.00 8.30  ? 4  DA  A N6    1 
ATOM   76  N  N1    . DA  A 1 4 ? 3.072  1.505   2.001   1.00 8.30  ? 4  DA  A N1    1 
ATOM   77  C  C2    . DA  A 1 4 ? 2.990  0.248   2.438   1.00 7.40  ? 4  DA  A C2    1 
ATOM   78  N  N3    . DA  A 1 4 ? 4.058  -0.568  2.656   1.00 7.60  ? 4  DA  A N3    1 
ATOM   79  C  C4    . DA  A 1 4 ? 5.213  0.041   2.441   1.00 8.10  ? 4  DA  A C4    1 
HETATM 80  N  N1    . 5CM A 1 5 ? 2.209  0.431   6.027   1.00 5.70  ? 5  5CM A N1    1 
HETATM 81  C  C2    . 5CM A 1 5 ? 1.708  1.634   5.502   1.00 4.20  ? 5  5CM A C2    1 
HETATM 82  N  N3    . 5CM A 1 5 ? 2.572  2.568   5.219   1.00 4.00  ? 5  5CM A N3    1 
HETATM 83  C  C4    . 5CM A 1 5 ? 3.980  2.460   5.336   1.00 4.00  ? 5  5CM A C4    1 
HETATM 84  C  C5    . 5CM A 1 5 ? 4.420  1.246   5.896   1.00 5.30  ? 5  5CM A C5    1 
HETATM 85  C  C5A   . 5CM A 1 5 ? 5.917  1.017   6.111   1.00 6.50  ? 5  5CM A C5A   1 
HETATM 86  C  C6    . 5CM A 1 5 ? 3.544  0.282   6.196   1.00 5.60  ? 5  5CM A C6    1 
HETATM 87  O  O2    . 5CM A 1 5 ? 0.525  1.801   5.390   1.00 5.40  ? 5  5CM A O2    1 
HETATM 88  N  N4    . 5CM A 1 5 ? 4.766  3.480   5.078   1.00 5.30  ? 5  5CM A N4    1 
HETATM 89  C  "C1'" . 5CM A 1 5 ? 1.174  -0.614  6.346   1.00 6.40  ? 5  5CM A "C1'" 1 
HETATM 90  C  "C2'" . 5CM A 1 5 ? 0.796  -1.595  5.232   1.00 8.80  ? 5  5CM A "C2'" 1 
HETATM 91  C  "C3'" . 5CM A 1 5 ? 0.332  -2.788  5.973   1.00 11.90 ? 5  5CM A "C3'" 1 
HETATM 92  C  "C4'" . 5CM A 1 5 ? 1.094  -2.744  7.334   1.00 10.20 ? 5  5CM A "C4'" 1 
HETATM 93  O  "O4'" . 5CM A 1 5 ? 1.724  -1.504  7.236   1.00 8.20  ? 5  5CM A "O4'" 1 
HETATM 94  O  "O3'" . 5CM A 1 5 ? -1.118 -2.605  6.182   1.00 14.50 ? 5  5CM A "O3'" 1 
HETATM 95  C  "C5'" . 5CM A 1 5 ? 2.196  -3.781  7.438   1.00 14.30 ? 5  5CM A "C5'" 1 
HETATM 96  O  "O5'" . 5CM A 1 5 ? 3.356  -3.340  6.819   1.00 17.50 ? 5  5CM A "O5'" 1 
HETATM 97  P  P     . 5CM A 1 5 ? 4.682  -4.221  6.465   1.00 19.50 ? 5  5CM A P     1 
HETATM 98  O  OP1   . 5CM A 1 5 ? 5.480  -3.341  7.339   1.00 19.40 ? 5  5CM A OP1   1 
HETATM 99  O  OP2   . 5CM A 1 5 ? 4.392  -5.679  6.673   1.00 18.20 ? 5  5CM A OP2   1 
ATOM   100 P  P     . DG  A 1 6 ? -1.909 -3.964  6.340   1.00 17.10 ? 6  DG  A P     1 
ATOM   101 O  OP1   . DG  A 1 6 ? -0.963 -4.867  5.800   1.00 18.40 ? 6  DG  A OP1   1 
ATOM   102 O  OP2   . DG  A 1 6 ? -3.344 -3.746  5.990   1.00 18.80 ? 6  DG  A OP2   1 
ATOM   103 O  "O5'" . DG  A 1 6 ? -1.812 -4.566  7.881   1.00 17.20 ? 6  DG  A "O5'" 1 
ATOM   104 C  "C5'" . DG  A 1 6 ? -2.270 -3.806  9.063   1.00 15.80 ? 6  DG  A "C5'" 1 
ATOM   105 C  "C4'" . DG  A 1 6 ? -1.752 -4.704  10.247  1.00 14.20 ? 6  DG  A "C4'" 1 
ATOM   106 O  "O4'" . DG  A 1 6 ? -0.341 -4.791  10.221  1.00 14.30 ? 6  DG  A "O4'" 1 
ATOM   107 C  "C3'" . DG  A 1 6 ? -2.165 -4.061  11.549  1.00 14.60 ? 6  DG  A "C3'" 1 
ATOM   108 O  "O3'" . DG  A 1 6 ? -2.571 -5.211  12.385  1.00 16.80 ? 6  DG  A "O3'" 1 
ATOM   109 C  "C2'" . DG  A 1 6 ? -0.910 -3.393  11.952  1.00 13.60 ? 6  DG  A "C2'" 1 
ATOM   110 C  "C1'" . DG  A 1 6 ? 0.269  -4.161  11.296  1.00 10.00 ? 6  DG  A "C1'" 1 
ATOM   111 N  N9    . DG  A 1 6 ? 1.223  -3.290  11.076  1.00 7.90  ? 6  DG  A N9    1 
ATOM   112 C  C8    . DG  A 1 6 ? 2.526  -3.592  11.311  1.00 7.50  ? 6  DG  A C8    1 
ATOM   113 N  N7    . DG  A 1 6 ? 3.383  -2.601  11.039  1.00 5.80  ? 6  DG  A N7    1 
ATOM   114 C  C5    . DG  A 1 6 ? 2.550  -1.553  10.676  1.00 5.50  ? 6  DG  A C5    1 
ATOM   115 C  C6    . DG  A 1 6 ? 2.880  -0.222  10.264  1.00 5.10  ? 6  DG  A C6    1 
ATOM   116 O  O6    . DG  A 1 6 ? 3.992  0.308   10.048  1.00 6.20  ? 6  DG  A O6    1 
ATOM   117 N  N1    . DG  A 1 6 ? 1.862  0.553   9.852   1.00 4.30  ? 6  DG  A N1    1 
ATOM   118 C  C2    . DG  A 1 6 ? 0.680  0.020   9.960   1.00 2.60  ? 6  DG  A C2    1 
ATOM   119 N  N2    . DG  A 1 6 ? -0.336 0.668   9.664   1.00 4.90  ? 6  DG  A N2    1 
ATOM   120 N  N3    . DG  A 1 6 ? 0.223  -1.193  10.248  1.00 6.30  ? 6  DG  A N3    1 
ATOM   121 C  C4    . DG  A 1 6 ? 1.254  -1.974  10.586  1.00 5.60  ? 6  DG  A C4    1 
HETATM 122 N  N1    . 5CM B 1 1 ? 1.424  5.028   7.649   1.00 6.90  ? 7  5CM B N1    1 
HETATM 123 C  C2    . 5CM B 1 1 ? 1.374  3.754   8.233   1.00 6.20  ? 7  5CM B C2    1 
HETATM 124 N  N3    . 5CM B 1 1 ? 2.535  3.158   8.627   1.00 6.80  ? 7  5CM B N3    1 
HETATM 125 C  C4    . 5CM B 1 1 ? 3.755  3.790   8.515   1.00 5.30  ? 7  5CM B C4    1 
HETATM 126 C  C5    . 5CM B 1 1 ? 3.833  5.113   8.058   1.00 5.70  ? 7  5CM B C5    1 
HETATM 127 C  C5A   . 5CM B 1 1 ? 5.153  5.741   7.917   1.00 5.30  ? 7  5CM B C5A   1 
HETATM 128 C  C6    . 5CM B 1 1 ? 2.661  5.642   7.611   1.00 6.90  ? 7  5CM B C6    1 
HETATM 129 O  O2    . 5CM B 1 1 ? 0.299  3.204   8.353   1.00 8.40  ? 7  5CM B O2    1 
HETATM 130 N  N4    . 5CM B 1 1 ? 4.805  3.015   8.995   1.00 6.10  ? 7  5CM B N4    1 
HETATM 131 C  "C1'" . 5CM B 1 1 ? 0.092  5.663   7.272   1.00 8.50  ? 7  5CM B "C1'" 1 
HETATM 132 C  "C2'" . 5CM B 1 1 ? -0.220 6.760   8.440   1.00 9.90  ? 7  5CM B "C2'" 1 
HETATM 133 C  "C3'" . 5CM B 1 1 ? -1.085 7.659   7.588   1.00 10.80 ? 7  5CM B "C3'" 1 
HETATM 134 C  "C4'" . 5CM B 1 1 ? -0.224 7.635   6.222   1.00 11.50 ? 7  5CM B "C4'" 1 
HETATM 135 O  "O4'" . 5CM B 1 1 ? 0.757  6.745   6.626   1.00 9.80  ? 7  5CM B "O4'" 1 
HETATM 136 O  "O3'" . 5CM B 1 1 ? -2.287 7.163   7.376   1.00 11.80 ? 7  5CM B "O3'" 1 
HETATM 137 C  "C5'" . 5CM B 1 1 ? 0.007  8.952   5.779   1.00 12.70 ? 7  5CM B "C5'" 1 
HETATM 138 O  "O5'" . 5CM B 1 1 ? 1.123  9.627   5.712   1.00 16.00 ? 7  5CM B "O5'" 1 
ATOM   139 P  P     . DG  B 1 2 ? -3.639 7.976   7.172   1.00 13.10 ? 8  DG  B P     1 
ATOM   140 O  OP1   . DG  B 1 2 ? -3.595 9.315   7.846   1.00 13.50 ? 8  DG  B OP1   1 
ATOM   141 O  OP2   . DG  B 1 2 ? -4.664 7.122   7.373   1.00 14.30 ? 8  DG  B OP2   1 
ATOM   142 O  "O5'" . DG  B 1 2 ? -3.609 8.332   5.483   1.00 12.60 ? 8  DG  B "O5'" 1 
ATOM   143 C  "C5'" . DG  B 1 2 ? -3.419 7.181   4.608   1.00 10.80 ? 8  DG  B "C5'" 1 
ATOM   144 C  "C4'" . DG  B 1 2 ? -3.319 8.114   3.361   1.00 10.60 ? 8  DG  B "C4'" 1 
ATOM   145 O  "O4'" . DG  B 1 2 ? -2.130 8.953   3.320   1.00 9.00  ? 8  DG  B "O4'" 1 
ATOM   146 C  "C3'" . DG  B 1 2 ? -3.343 7.240   2.076   1.00 10.70 ? 8  DG  B "C3'" 1 
ATOM   147 O  "O3'" . DG  B 1 2 ? -4.749 7.391   1.515   1.00 13.00 ? 8  DG  B "O3'" 1 
ATOM   148 C  "C2'" . DG  B 1 2 ? -2.320 7.889   1.255   1.00 8.40  ? 8  DG  B "C2'" 1 
ATOM   149 C  "C1'" . DG  B 1 2 ? -1.394 8.778   2.044   1.00 7.00  ? 8  DG  B "C1'" 1 
ATOM   150 N  N9    . DG  B 1 2 ? -0.190 8.158   2.445   1.00 5.60  ? 8  DG  B N9    1 
ATOM   151 C  C8    . DG  B 1 2 ? 0.957  8.802   2.290   1.00 3.60  ? 8  DG  B C8    1 
ATOM   152 N  N7    . DG  B 1 2 ? 1.968  8.073   2.648   1.00 5.30  ? 8  DG  B N7    1 
ATOM   153 C  C5    . DG  B 1 2 ? 1.494  6.904   3.087   1.00 5.10  ? 8  DG  B C5    1 
ATOM   154 C  C6    . DG  B 1 2 ? 2.120  5.717   3.669   1.00 4.10  ? 8  DG  B C6    1 
ATOM   155 O  O6    . DG  B 1 2 ? 3.413  5.710   3.800   1.00 6.30  ? 8  DG  B O6    1 
ATOM   156 N  N1    . DG  B 1 2 ? 1.312  4.778   4.012   1.00 4.20  ? 8  DG  B N1    1 
ATOM   157 C  C2    . DG  B 1 2 ? 0.004  4.787   3.815   1.00 2.50  ? 8  DG  B C2    1 
ATOM   158 N  N2    . DG  B 1 2 ? -0.856 4.020   4.092   1.00 2.30  ? 8  DG  B N2    1 
ATOM   159 N  N3    . DG  B 1 2 ? -0.645 5.846   3.228   1.00 4.70  ? 8  DG  B N3    1 
ATOM   160 C  C4    . DG  B 1 2 ? 0.128  6.893   2.953   1.00 4.30  ? 8  DG  B C4    1 
ATOM   161 P  P     . DU  B 1 3 ? -5.728 6.199   1.584   1.00 14.90 ? 9  DU  B P     1 
ATOM   162 O  OP1   . DU  B 1 3 ? -7.153 6.492   1.164   1.00 16.10 ? 9  DU  B OP1   1 
ATOM   163 O  OP2   . DU  B 1 3 ? -5.461 5.410   2.757   1.00 16.40 ? 9  DU  B OP2   1 
ATOM   164 O  "O5'" . DU  B 1 3 ? -5.163 5.085   0.379   1.00 13.50 ? 9  DU  B "O5'" 1 
ATOM   165 C  "C5'" . DU  B 1 3 ? -5.850 3.981   -0.161  1.00 11.40 ? 9  DU  B "C5'" 1 
ATOM   166 C  "C4'" . DU  B 1 3 ? -5.032 2.651   -0.006  1.00 9.10  ? 9  DU  B "C4'" 1 
ATOM   167 O  "O4'" . DU  B 1 3 ? -3.691 2.753   -0.246  1.00 7.60  ? 9  DU  B "O4'" 1 
ATOM   168 C  "C3'" . DU  B 1 3 ? -5.016 2.268   1.491   1.00 10.60 ? 9  DU  B "C3'" 1 
ATOM   169 O  "O3'" . DU  B 1 3 ? -5.256 0.947   1.774   1.00 12.00 ? 9  DU  B "O3'" 1 
ATOM   170 C  "C2'" . DU  B 1 3 ? -3.640 2.389   1.962   1.00 9.60  ? 9  DU  B "C2'" 1 
ATOM   171 C  "C1'" . DU  B 1 3 ? -2.811 2.209   0.734   1.00 6.80  ? 9  DU  B "C1'" 1 
ATOM   172 N  N1    . DU  B 1 3 ? -1.534 3.004   0.638   1.00 4.70  ? 9  DU  B N1    1 
ATOM   173 C  C2    . DU  B 1 3 ? -0.360 2.365   0.999   1.00 4.60  ? 9  DU  B C2    1 
ATOM   174 O  O2    . DU  B 1 3 ? -0.341 1.217   1.386   1.00 6.20  ? 9  DU  B O2    1 
ATOM   175 N  N3    . DU  B 1 3 ? 0.740  3.046   0.833   1.00 4.30  ? 9  DU  B N3    1 
ATOM   176 C  C4    . DU  B 1 3 ? 0.940  4.359   0.405   1.00 4.20  ? 9  DU  B C4    1 
ATOM   177 O  O4    . DU  B 1 3 ? 2.081  4.803   0.361   1.00 4.10  ? 9  DU  B O4    1 
ATOM   178 C  C5    . DU  B 1 3 ? -0.278 4.920   0.048   1.00 4.90  ? 9  DU  B C5    1 
ATOM   179 C  C6    . DU  B 1 3 ? -1.374 4.207   0.094   1.00 3.80  ? 9  DU  B C6    1 
ATOM   180 P  P     . DA  B 1 4 ? -6.664 0.340   2.043   1.00 12.80 ? 10 DA  B P     1 
ATOM   181 O  OP1   . DA  B 1 4 ? -7.572 1.215   2.833   1.00 13.90 ? 10 DA  B OP1   1 
ATOM   182 O  OP2   . DA  B 1 4 ? -6.455 -1.060  2.226   1.00 12.40 ? 10 DA  B OP2   1 
ATOM   183 O  "O5'" . DA  B 1 4 ? -7.329 0.080   0.486   1.00 13.00 ? 10 DA  B "O5'" 1 
ATOM   184 C  "C5'" . DA  B 1 4 ? -6.471 -0.316  -0.469  1.00 12.00 ? 10 DA  B "C5'" 1 
ATOM   185 C  "C4'" . DA  B 1 4 ? -7.417 -0.069  -1.728  1.00 11.20 ? 10 DA  B "C4'" 1 
ATOM   186 O  "O4'" . DA  B 1 4 ? -7.373 1.302   -2.041  1.00 11.10 ? 10 DA  B "O4'" 1 
ATOM   187 C  "C3'" . DA  B 1 4 ? -7.122 -0.722  -3.096  1.00 12.50 ? 10 DA  B "C3'" 1 
ATOM   188 O  "O3'" . DA  B 1 4 ? -8.253 -1.480  -3.520  1.00 15.30 ? 10 DA  B "O3'" 1 
ATOM   189 C  "C2'" . DA  B 1 4 ? -7.004 0.366   -4.129  1.00 10.20 ? 10 DA  B "C2'" 1 
ATOM   190 C  "C1'" . DA  B 1 4 ? -7.268 1.745   -3.491  1.00 8.00  ? 10 DA  B "C1'" 1 
ATOM   191 N  N9    . DA  B 1 4 ? -6.204 2.583   -3.623  1.00 6.30  ? 10 DA  B N9    1 
ATOM   192 C  C8    . DA  B 1 4 ? -6.252 3.892   -3.878  1.00 6.40  ? 10 DA  B C8    1 
ATOM   193 N  N7    . DA  B 1 4 ? -5.063 4.484   -4.021  1.00 6.10  ? 10 DA  B N7    1 
ATOM   194 C  C5    . DA  B 1 4 ? -4.147 3.553   -3.730  1.00 6.30  ? 10 DA  B C5    1 
ATOM   195 C  C6    . DA  B 1 4 ? -2.745 3.649   -3.499  1.00 7.00  ? 10 DA  B C6    1 
ATOM   196 N  N6    . DA  B 1 4 ? -1.821 4.678   -3.626  1.00 6.70  ? 10 DA  B N6    1 
ATOM   197 N  N1    . DA  B 1 4 ? -2.069 2.481   -3.154  1.00 5.80  ? 10 DA  B N1    1 
ATOM   198 C  C2    . DA  B 1 4 ? -2.900 1.461   -2.924  1.00 5.60  ? 10 DA  B C2    1 
ATOM   199 N  N3    . DA  B 1 4 ? -4.182 1.215   -3.037  1.00 6.50  ? 10 DA  B N3    1 
ATOM   200 C  C4    . DA  B 1 4 ? -4.816 2.359   -3.421  1.00 6.70  ? 10 DA  B C4    1 
HETATM 201 N  N1    . 5CM B 1 5 ? -3.298 -1.112  -6.241  1.00 7.30  ? 11 5CM B N1    1 
HETATM 202 C  C2    . 5CM B 1 5 ? -2.117 -0.500  -6.127  1.00 7.10  ? 11 5CM B C2    1 
HETATM 203 N  N3    . 5CM B 1 5 ? -1.945 0.819   -6.509  1.00 7.30  ? 11 5CM B N3    1 
HETATM 204 C  C4    . 5CM B 1 5 ? -3.113 1.497   -6.984  1.00 5.90  ? 11 5CM B C4    1 
HETATM 205 C  C5    . 5CM B 1 5 ? -4.345 0.837   -6.953  1.00 5.60  ? 11 5CM B C5    1 
HETATM 206 C  C5A   . 5CM B 1 5 ? -5.603 1.490   -7.449  1.00 6.90  ? 11 5CM B C5A   1 
HETATM 207 C  C6    . 5CM B 1 5 ? -4.455 -0.445  -6.676  1.00 6.50  ? 11 5CM B C6    1 
HETATM 208 O  O2    . 5CM B 1 5 ? -1.154 -1.073  -5.730  1.00 7.60  ? 11 5CM B O2    1 
HETATM 209 N  N4    . 5CM B 1 5 ? -2.761 2.797   -7.244  1.00 5.60  ? 11 5CM B N4    1 
HETATM 210 C  "C1'" . 5CM B 1 5 ? -3.406 -2.495  -5.862  1.00 8.70  ? 11 5CM B "C1'" 1 
HETATM 211 C  "C2'" . 5CM B 1 5 ? -3.503 -2.859  -4.397  1.00 11.30 ? 11 5CM B "C2'" 1 
HETATM 212 C  "C3'" . 5CM B 1 5 ? -4.169 -4.130  -4.435  1.00 13.00 ? 11 5CM B "C3'" 1 
HETATM 213 C  "C4'" . 5CM B 1 5 ? -4.950 -4.233  -5.821  1.00 11.80 ? 11 5CM B "C4'" 1 
HETATM 214 O  "O4'" . 5CM B 1 5 ? -4.759 -2.923  -6.409  1.00 10.70 ? 11 5CM B "O4'" 1 
HETATM 215 O  "O3'" . 5CM B 1 5 ? -3.144 -5.116  -4.434  1.00 13.60 ? 11 5CM B "O3'" 1 
HETATM 216 C  "C5'" . 5CM B 1 5 ? -6.407 -4.481  -5.651  1.00 14.50 ? 11 5CM B "C5'" 1 
HETATM 217 O  "O5'" . 5CM B 1 5 ? -6.659 -3.115  -5.227  1.00 17.30 ? 11 5CM B "O5'" 1 
HETATM 218 P  P     . 5CM B 1 5 ? -7.861 -2.884  -4.074  1.00 20.80 ? 11 5CM B P     1 
HETATM 219 O  OP1   . 5CM B 1 5 ? -9.087 -3.353  -4.948  1.00 19.50 ? 11 5CM B OP1   1 
HETATM 220 O  OP2   . 5CM B 1 5 ? -7.431 -3.700  -2.965  1.00 18.60 ? 11 5CM B OP2   1 
ATOM   221 P  P     . DG  B 1 6 ? -3.477 -6.595  -3.925  1.00 17.70 ? 12 DG  B P     1 
ATOM   222 O  OP1   . DG  B 1 6 ? -4.506 -6.411  -2.803  1.00 18.60 ? 12 DG  B OP1   1 
ATOM   223 O  OP2   . DG  B 1 6 ? -2.163 -6.946  -3.959  1.00 16.40 ? 12 DG  B OP2   1 
ATOM   224 O  "O5'" . DG  B 1 6 ? -4.312 -7.503  -4.912  1.00 16.90 ? 12 DG  B "O5'" 1 
ATOM   225 C  "C5'" . DG  B 1 6 ? -3.715 -8.028  -6.153  1.00 16.10 ? 12 DG  B "C5'" 1 
ATOM   226 C  "C4'" . DG  B 1 6 ? -4.963 -8.643  -6.812  1.00 14.00 ? 12 DG  B "C4'" 1 
ATOM   227 O  "O4'" . DG  B 1 6 ? -6.010 -7.638  -7.009  1.00 13.30 ? 12 DG  B "O4'" 1 
ATOM   228 C  "C3'" . DG  B 1 6 ? -4.606 -9.282  -8.340  1.00 13.70 ? 12 DG  B "C3'" 1 
ATOM   229 O  "O3'" . DG  B 1 6 ? -5.321 -10.423 -8.473  1.00 15.10 ? 12 DG  B "O3'" 1 
ATOM   230 C  "C2'" . DG  B 1 6 ? -4.945 -8.050  -9.066  1.00 12.10 ? 12 DG  B "C2'" 1 
ATOM   231 C  "C1'" . DG  B 1 6 ? -6.338 -7.606  -8.420  1.00 10.20 ? 12 DG  B "C1'" 1 
ATOM   232 N  N9    . DG  B 1 6 ? -6.602 -6.222  -8.807  1.00 8.70  ? 12 DG  B N9    1 
ATOM   233 C  C8    . DG  B 1 6 ? -7.794 -5.659  -8.982  1.00 6.30  ? 12 DG  B C8    1 
ATOM   234 N  N7    . DG  B 1 6 ? -7.511 -4.364  -9.383  1.00 7.70  ? 12 DG  B N7    1 
ATOM   235 C  C5    . DG  B 1 6 ? -6.179 -4.162  -9.368  1.00 6.70  ? 12 DG  B C5    1 
ATOM   236 C  C6    . DG  B 1 6 ? -5.441 -3.056  -9.729  1.00 6.50  ? 12 DG  B C6    1 
ATOM   237 O  O6    . DG  B 1 6 ? -5.829 -1.895  -10.077 1.00 7.10  ? 12 DG  B O6    1 
ATOM   238 N  N1    . DG  B 1 6 ? -4.094 -3.054  -9.654  1.00 6.90  ? 12 DG  B N1    1 
ATOM   239 C  C2    . DG  B 1 6 ? -3.594 -4.331  -9.266  1.00 6.70  ? 12 DG  B C2    1 
ATOM   240 N  N2    . DG  B 1 6 ? -2.348 -4.226  -9.309  1.00 7.50  ? 12 DG  B N2    1 
ATOM   241 N  N3    . DG  B 1 6 ? -4.214 -5.495  -8.982  1.00 5.80  ? 12 DG  B N3    1 
ATOM   242 C  C4    . DG  B 1 6 ? -5.521 -5.309  -9.025  1.00 6.30  ? 12 DG  B C4    1 
HETATM 243 CU CU    . CU  C 2 . ? 1.577  6.946   -6.370  0.16 67.40 ? 7  CU  A CU    1 
HETATM 244 CU CU    . CU  D 2 . ? 5.528  -2.643  11.059  0.33 30.20 ? 8  CU  A CU    1 
HETATM 245 CU CU    . CU  E 2 . ? 4.038  9.148   2.191   0.14 63.40 ? 13 CU  B CU    1 
HETATM 246 CU CU    . CUL F 3 . ? -9.348 -3.368  -9.759  0.18 27.90 ? 14 CUL B CU    1 
HETATM 247 CL CL1   . CUL F 3 . ? -9.701 -2.066  -6.960  1.00 34.70 ? 14 CUL B CL1   1 
HETATM 248 CL CL2   . CUL F 3 . ? -8.788 -3.566  -12.383 1.00 27.30 ? 14 CUL B CL2   1 
HETATM 249 O  O     . HOH G 4 . ? -0.548 6.897   -6.036  1.00 65.70 ? 13 HOH A O     1 
HETATM 250 O  O     . HOH G 4 . ? 3.591  7.198   -6.480  1.00 64.90 ? 14 HOH A O     1 
HETATM 251 O  O     . HOH G 4 . ? 1.533  6.585   -8.409  1.00 65.10 ? 15 HOH A O     1 
HETATM 252 O  O     . HOH G 4 . ? 1.978  7.006   -4.202  1.00 66.40 ? 16 HOH A O     1 
HETATM 253 O  O     . HOH G 4 . ? 1.101  9.002   -6.260  1.00 66.00 ? 17 HOH A O     1 
HETATM 254 O  O     . HOH G 4 . ? 7.819  -2.630  11.329  1.00 21.00 ? 18 HOH A O     1 
HETATM 255 O  O     . HOH G 4 . ? 5.697  -4.421  10.263  1.00 32.80 ? 19 HOH A O     1 
HETATM 256 O  O     . HOH G 4 . ? 5.655  -0.807  12.049  1.00 35.40 ? 20 HOH A O     1 
HETATM 257 O  O     . HOH G 4 . ? 5.670  -3.488  12.878  1.00 23.30 ? 21 HOH A O     1 
HETATM 258 O  O     . HOH G 4 . ? 5.842  -1.392  9.736   1.00 27.20 ? 22 HOH A O     1 
HETATM 259 O  O     . HOH G 4 . ? 0.359  5.174   -10.250 1.00 19.70 ? 29 HOH A O     1 
HETATM 260 O  O     . HOH G 4 . ? 10.904 -2.178  -4.141  1.00 22.10 ? 31 HOH A O     1 
HETATM 261 O  O     . HOH G 4 . ? 7.500  4.118   5.276   1.00 22.10 ? 35 HOH A O     1 
HETATM 262 O  O     . HOH G 4 . ? 0.619  -4.764  3.088   1.00 49.30 ? 36 HOH A O     1 
HETATM 263 O  O     . HOH G 4 . ? 2.980  -5.700  5.325   1.00 27.60 ? 37 HOH A O     1 
HETATM 264 O  O     . HOH G 4 . ? -0.957 -7.239  1.672   1.00 39.00 ? 38 HOH A O     1 
HETATM 265 O  O     . HOH G 4 . ? 3.975  7.884   -2.979  1.00 22.40 ? 39 HOH A O     1 
HETATM 266 O  O     . HOH G 4 . ? 10.368 2.784   2.958   1.00 31.70 ? 41 HOH A O     1 
HETATM 267 O  O     . HOH G 4 . ? 7.131  6.857   4.804   1.00 28.80 ? 44 HOH A O     1 
HETATM 268 O  O     . HOH G 4 . ? 5.291  5.576   -2.833  1.00 40.70 ? 45 HOH A O     1 
HETATM 269 O  O     . HOH G 4 . ? -5.515 0.912   9.643   1.00 37.90 ? 46 HOH A O     1 
HETATM 270 O  O     . HOH G 4 . ? -3.180 -0.287  8.806   1.00 13.30 ? 47 HOH A O     1 
HETATM 271 O  O     . HOH G 4 . ? 2.554  -7.815  1.986   1.00 33.00 ? 48 HOH A O     1 
HETATM 272 O  O     . HOH G 4 . ? 5.008  -10.257 7.662   1.00 19.50 ? 49 HOH A O     1 
HETATM 273 O  O     . HOH G 4 . ? 0.518  -8.888  6.698   1.00 22.20 ? 51 HOH A O     1 
HETATM 274 O  O     . HOH G 4 . ? 3.330  -2.638  -6.152  1.00 12.00 ? 55 HOH A O     1 
HETATM 275 O  O     . HOH G 4 . ? -4.550 -2.537  10.075  1.00 34.30 ? 56 HOH A O     1 
HETATM 276 O  O     . HOH G 4 . ? 6.082  -7.795  0.029   1.00 22.20 ? 57 HOH A O     1 
HETATM 277 O  O     . HOH G 4 . ? 8.052  -6.383  1.816   1.00 53.00 ? 60 HOH A O     1 
HETATM 278 O  O     . HOH G 4 . ? 10.479 0.547   -5.201  1.00 33.70 ? 61 HOH A O     1 
HETATM 279 O  O     . HOH G 4 . ? 3.503  -7.540  6.875   1.00 30.80 ? 67 HOH A O     1 
HETATM 280 O  O     . HOH G 4 . ? 7.485  2.079   -1.368  1.00 33.10 ? 72 HOH A O     1 
HETATM 281 O  O     . HOH G 4 . ? -2.416 -9.775  0.295   1.00 47.80 ? 74 HOH A O     1 
HETATM 282 O  O     . HOH G 4 . ? 0.131  -6.363  -0.858  1.00 22.90 ? 75 HOH A O     1 
HETATM 283 O  O     . HOH G 4 . ? -1.943 0.404   5.691   1.00 21.60 ? 76 HOH A O     1 
HETATM 284 O  O     . HOH G 4 . ? 0.990  -3.848  -7.758  1.00 52.00 ? 82 HOH A O     1 
HETATM 285 O  O     . HOH G 4 . ? 8.115  3.974   2.207   1.00 30.70 ? 85 HOH A O     1 
HETATM 286 O  O     . HOH G 4 . ? -1.298 -8.930  3.097   1.00 40.60 ? 89 HOH A O     1 
HETATM 287 O  O     . HOH G 4 . ? 1.992  -9.681  7.637   1.00 19.80 ? 91 HOH A O     1 
HETATM 288 O  O     . HOH G 4 . ? -4.116 -0.932  6.300   1.00 29.60 ? 92 HOH A O     1 
HETATM 289 O  O     . HOH G 4 . ? -1.009 -6.904  7.500   1.00 31.40 ? 93 HOH A O     1 
HETATM 290 O  O     . HOH G 4 . ? 4.772  -8.394  8.001   1.00 28.80 ? 94 HOH A O     1 
HETATM 291 O  O     . HOH G 4 . ? 1.156  -6.116  4.946   1.00 30.20 ? 95 HOH A O     1 
HETATM 292 O  O     . HOH G 4 . ? 5.955  3.617   -1.925  1.00 19.80 ? 97 HOH A O     1 
HETATM 293 O  O     . HOH H 4 . ? 4.033  9.551   0.240   1.00 62.70 ? 23 HOH B O     1 
HETATM 294 O  O     . HOH H 4 . ? 4.881  7.359   2.338   1.00 63.00 ? 24 HOH B O     1 
HETATM 295 O  O     . HOH H 4 . ? 3.962  9.309   4.419   1.00 65.40 ? 25 HOH B O     1 
HETATM 296 O  O     . HOH H 4 . ? 6.042  10.081  2.320   1.00 61.40 ? 26 HOH B O     1 
HETATM 297 O  O     . HOH H 4 . ? -8.474 -1.245  -9.916  1.00 25.40 ? 27 HOH B O     1 
HETATM 298 O  O     . HOH H 4 . ? -0.671 -6.260  -7.032  1.00 19.30 ? 28 HOH B O     1 
HETATM 299 O  O     . HOH H 4 . ? -3.342 1.758   5.785   1.00 36.70 ? 30 HOH B O     1 
HETATM 300 O  O     . HOH H 4 . ? -6.063 -4.227  -1.020  1.00 37.10 ? 32 HOH B O     1 
HETATM 301 O  O     . HOH H 4 . ? 0.368  -10.383 -4.041  1.00 32.60 ? 33 HOH B O     1 
HETATM 302 O  O     . HOH H 4 . ? -0.850 -2.855  -3.024  1.00 36.00 ? 34 HOH B O     1 
HETATM 303 O  O     . HOH H 4 . ? 2.117  -9.101  -6.223  1.00 32.10 ? 40 HOH B O     1 
HETATM 304 O  O     . HOH H 4 . ? -5.323 -5.288  3.324   1.00 40.10 ? 42 HOH B O     1 
HETATM 305 O  O     . HOH H 4 . ? -0.235 -7.482  -3.705  1.00 30.90 ? 43 HOH B O     1 
HETATM 306 O  O     . HOH H 4 . ? -2.360 -2.435  0.739   1.00 36.80 ? 50 HOH B O     1 
HETATM 307 O  O     . HOH H 4 . ? -3.177 2.516   8.060   1.00 20.80 ? 52 HOH B O     1 
HETATM 308 O  O     . HOH H 4 . ? -6.415 3.757   8.783   1.00 24.70 ? 53 HOH B O     1 
HETATM 309 O  O     . HOH H 4 . ? -8.790 2.640   8.427   1.00 22.50 ? 54 HOH B O     1 
HETATM 310 O  O     . HOH H 4 . ? -0.928 -4.006  -9.098  1.00 25.90 ? 58 HOH B O     1 
HETATM 311 O  O     . HOH H 4 . ? -4.576 -7.027  0.014   1.00 18.70 ? 59 HOH B O     1 
HETATM 312 O  O     . HOH H 4 . ? 2.739  -9.824  -7.829  1.00 18.30 ? 62 HOH B O     1 
HETATM 313 O  O     . HOH H 4 . ? -2.566 -5.270  -1.139  1.00 23.50 ? 63 HOH B O     1 
HETATM 314 O  O     . HOH H 4 . ? -3.678 4.478   8.274   1.00 17.80 ? 64 HOH B O     1 
HETATM 315 O  O     . HOH H 4 . ? 2.435  11.508  4.942   1.00 25.50 ? 65 HOH B O     1 
HETATM 316 O  O     . HOH H 4 . ? -8.291 3.796   2.571   1.00 15.30 ? 66 HOH B O     1 
HETATM 317 O  O     . HOH H 4 . ? 3.947  8.716   6.074   1.00 21.20 ? 68 HOH B O     1 
HETATM 318 O  O     . HOH H 4 . ? -4.014 4.281   4.844   1.00 22.30 ? 69 HOH B O     1 
HETATM 319 O  O     . HOH H 4 . ? -0.172 -3.467  -4.788  1.00 23.50 ? 70 HOH B O     1 
HETATM 320 O  O     . HOH H 4 . ? 0.144  -3.229  0.885   1.00 21.80 ? 71 HOH B O     1 
HETATM 321 O  O     . HOH H 4 . ? 0.849  -11.318 -0.142  1.00 25.40 ? 73 HOH B O     1 
HETATM 322 O  O     . HOH H 4 . ? 3.015  6.521   -0.404  1.00 32.60 ? 77 HOH B O     1 
HETATM 323 O  O     . HOH H 4 . ? 0.545  -10.904 2.077   1.00 46.50 ? 78 HOH B O     1 
HETATM 324 O  O     . HOH H 4 . ? 0.953  -9.193  -1.707  1.00 34.60 ? 79 HOH B O     1 
HETATM 325 O  O     . HOH H 4 . ? -1.527 -10.372 -4.253  1.00 22.10 ? 80 HOH B O     1 
HETATM 326 O  O     . HOH H 4 . ? -7.824 -0.166  -6.444  1.00 35.60 ? 81 HOH B O     1 
HETATM 327 O  O     . HOH H 4 . ? 2.318  -7.014  -7.265  1.00 25.70 ? 83 HOH B O     1 
HETATM 328 O  O     . HOH H 4 . ? -5.239 5.883   9.256   1.00 30.50 ? 84 HOH B O     1 
HETATM 329 O  O     . HOH H 4 . ? -5.066 -1.990  -1.011  1.00 52.40 ? 86 HOH B O     1 
HETATM 330 O  O     . HOH H 4 . ? -3.036 -4.336  1.892   1.00 46.60 ? 87 HOH B O     1 
HETATM 331 O  O     . HOH H 4 . ? -4.730 -3.197  2.520   1.00 25.60 ? 88 HOH B O     1 
HETATM 332 O  O     . HOH H 4 . ? -0.721 -0.183  2.605   1.00 30.80 ? 90 HOH B O     1 
HETATM 333 O  O     . HOH H 4 . ? -3.511 -12.778 -8.733  1.00 26.60 ? 96 HOH B O     1 
HETATM 334 O  O     . HOH H 4 . ? 0.199  -9.212  -5.965  1.00 43.80 ? 98 HOH B O     1 
# 
